data_2O74
#
_entry.id   2O74
#
_cell.length_a   102.223
_cell.length_b   102.223
_cell.length_c   103.892
_cell.angle_alpha   90.00
_cell.angle_beta   90.00
_cell.angle_gamma   120.00
#
_symmetry.space_group_name_H-M   'P 32'
#
loop_
_entity.id
_entity.type
_entity.pdbx_description
1 polymer 'OHCU decarboxylase'
2 non-polymer GUANINE
3 water water
#
_entity_poly.entity_id   1
_entity_poly.type   'polypeptide(L)'
_entity_poly.pdbx_seq_one_letter_code
;MDINVVNALAYEDFVKLFGNVVEKCPLISAAIWSYRPFKDLADIEARISEFIHSLPDSGKEGILRCHPDLAGRDLQSGTL
TPESQEEQSQAGMTTLDSAEIVHMYRLNSEYKERFGFPFVICARLNNKADIVRQLSERLKNRRTAELECAIEEVKKICSL
RLHSIVLSDIQTKL
;
_entity_poly.pdbx_strand_id   A,B,C,D,E,F
#
# COMPACT_ATOMS: atom_id res chain seq x y z
N ASP A 2 17.11 46.52 25.43
CA ASP A 2 16.33 47.46 26.27
C ASP A 2 14.94 46.88 26.58
N ILE A 3 14.62 46.76 27.88
CA ILE A 3 13.30 46.25 28.30
C ILE A 3 12.15 47.15 27.86
N ASN A 4 12.41 48.46 27.77
CA ASN A 4 11.41 49.38 27.21
C ASN A 4 11.06 48.99 25.77
N VAL A 5 12.07 48.64 24.97
CA VAL A 5 11.82 48.27 23.59
C VAL A 5 11.08 46.92 23.56
N VAL A 6 11.47 46.00 24.44
CA VAL A 6 10.79 44.69 24.51
C VAL A 6 9.30 44.87 24.86
N ASN A 7 9.02 45.67 25.88
CA ASN A 7 7.64 45.95 26.31
C ASN A 7 6.75 46.59 25.23
N ALA A 8 7.34 47.29 24.27
CA ALA A 8 6.59 47.98 23.21
C ALA A 8 6.26 47.10 21.99
N LEU A 9 6.85 45.91 21.93
CA LEU A 9 6.61 45.00 20.81
C LEU A 9 5.15 44.57 20.72
N ALA A 10 4.61 44.59 19.50
CA ALA A 10 3.33 43.95 19.20
C ALA A 10 3.49 42.48 19.49
N TYR A 11 2.39 41.79 19.81
CA TYR A 11 2.53 40.37 20.14
C TYR A 11 3.15 39.59 19.00
N GLU A 12 2.86 39.99 17.76
CA GLU A 12 3.40 39.25 16.62
C GLU A 12 4.94 39.30 16.58
N ASP A 13 5.49 40.43 17.00
CA ASP A 13 6.93 40.65 17.01
C ASP A 13 7.59 40.04 18.24
N PHE A 14 6.91 40.13 19.38
CA PHE A 14 7.39 39.48 20.60
C PHE A 14 7.49 37.96 20.37
N VAL A 15 6.47 37.38 19.75
CA VAL A 15 6.47 35.93 19.44
C VAL A 15 7.58 35.58 18.44
N LYS A 16 7.77 36.43 17.43
CA LYS A 16 8.83 36.25 16.45
C LYS A 16 10.20 36.22 17.12
N LEU A 17 10.43 37.16 18.02
CA LEU A 17 11.71 37.26 18.71
C LEU A 17 11.93 36.17 19.76
N PHE A 18 10.92 35.92 20.59
CA PHE A 18 11.07 35.04 21.77
C PHE A 18 10.40 33.67 21.62
N GLY A 19 9.80 33.43 20.47
CA GLY A 19 9.00 32.21 20.23
C GLY A 19 9.73 30.88 20.33
N ASN A 20 11.06 30.90 20.33
CA ASN A 20 11.80 29.64 20.46
C ASN A 20 12.73 29.55 21.68
N VAL A 21 12.51 30.41 22.68
CA VAL A 21 13.29 30.33 23.90
C VAL A 21 12.96 29.07 24.69
N VAL A 22 11.76 28.53 24.47
CA VAL A 22 11.47 27.17 24.88
C VAL A 22 11.22 26.39 23.59
N GLU A 23 12.10 25.44 23.33
CA GLU A 23 12.17 24.76 22.05
C GLU A 23 10.80 24.32 21.49
N LYS A 24 10.47 24.84 20.31
CA LYS A 24 9.23 24.55 19.56
C LYS A 24 7.96 24.82 20.39
N CYS A 25 8.07 25.74 21.33
CA CYS A 25 6.96 26.10 22.19
C CYS A 25 6.68 27.62 22.17
N PRO A 26 6.34 28.16 20.99
CA PRO A 26 6.03 29.61 20.90
C PRO A 26 4.87 30.01 21.78
N LEU A 27 4.02 29.04 22.10
CA LEU A 27 2.89 29.24 22.96
C LEU A 27 3.29 29.88 24.28
N ILE A 28 4.43 29.48 24.80
CA ILE A 28 4.89 30.01 26.08
C ILE A 28 5.24 31.50 25.97
N SER A 29 6.01 31.87 24.95
CA SER A 29 6.30 33.28 24.72
C SER A 29 4.99 34.06 24.42
N ALA A 30 4.13 33.49 23.59
CA ALA A 30 2.84 34.10 23.25
C ALA A 30 2.01 34.38 24.52
N ALA A 31 1.94 33.40 25.42
CA ALA A 31 1.16 33.58 26.65
C ALA A 31 1.72 34.68 27.53
N ILE A 32 3.03 34.65 27.77
CA ILE A 32 3.57 35.59 28.76
C ILE A 32 3.43 37.06 28.34
N TRP A 33 3.25 37.32 27.05
CA TRP A 33 3.06 38.70 26.56
C TRP A 33 1.85 39.37 27.22
N SER A 34 0.89 38.55 27.63
CA SER A 34 -0.28 39.03 28.38
C SER A 34 0.07 39.75 29.67
N TYR A 35 1.25 39.49 30.21
CA TYR A 35 1.64 40.01 31.52
C TYR A 35 2.53 41.27 31.42
N ARG A 36 2.71 41.80 30.21
CA ARG A 36 3.51 43.00 30.04
C ARG A 36 2.82 44.19 30.75
N PRO A 37 3.59 45.20 31.18
CA PRO A 37 5.02 45.35 30.97
C PRO A 37 5.83 44.41 31.84
N PHE A 38 6.98 43.97 31.33
CA PHE A 38 7.92 43.23 32.16
C PHE A 38 8.84 44.22 32.87
N LYS A 39 8.99 44.02 34.17
CA LYS A 39 9.91 44.83 34.97
C LYS A 39 11.33 44.72 34.42
N ASP A 40 11.76 43.52 34.08
CA ASP A 40 13.12 43.26 33.58
C ASP A 40 13.23 41.85 32.99
N LEU A 41 14.44 41.41 32.66
CA LEU A 41 14.65 40.04 32.15
C LEU A 41 14.22 38.98 33.16
N ALA A 42 14.52 39.22 34.43
CA ALA A 42 14.16 38.31 35.52
C ALA A 42 12.65 38.09 35.60
N ASP A 43 11.89 39.15 35.37
CA ASP A 43 10.43 39.10 35.34
C ASP A 43 9.97 38.17 34.19
N ILE A 44 10.56 38.33 33.02
CA ILE A 44 10.25 37.47 31.87
C ILE A 44 10.49 35.99 32.22
N GLU A 45 11.66 35.68 32.79
CA GLU A 45 12.00 34.32 33.16
C GLU A 45 11.07 33.79 34.24
N ALA A 46 10.67 34.67 35.14
CA ALA A 46 9.77 34.34 36.22
C ALA A 46 8.39 33.99 35.67
N ARG A 47 7.94 34.76 34.69
CA ARG A 47 6.65 34.51 34.06
C ARG A 47 6.70 33.18 33.29
N ILE A 48 7.81 32.92 32.61
CA ILE A 48 7.99 31.65 31.89
C ILE A 48 7.95 30.48 32.88
N SER A 49 8.69 30.60 33.98
CA SER A 49 8.70 29.58 35.00
C SER A 49 7.32 29.31 35.63
N GLU A 50 6.58 30.36 35.93
CA GLU A 50 5.26 30.23 36.53
C GLU A 50 4.28 29.60 35.56
N PHE A 51 4.39 29.95 34.28
CA PHE A 51 3.52 29.37 33.27
C PHE A 51 3.74 27.87 33.18
N ILE A 52 4.99 27.47 33.11
CA ILE A 52 5.33 26.05 32.99
C ILE A 52 4.85 25.30 34.24
N HIS A 53 5.07 25.92 35.39
CA HIS A 53 4.71 25.29 36.66
C HIS A 53 3.21 25.10 36.83
N SER A 54 2.43 25.96 36.19
CA SER A 54 0.96 25.89 36.18
C SER A 54 0.37 24.80 35.28
N LEU A 55 1.17 24.25 34.38
CA LEU A 55 0.71 23.18 33.49
C LEU A 55 0.54 21.88 34.26
N PRO A 56 -0.37 20.99 33.77
CA PRO A 56 -0.43 19.65 34.35
C PRO A 56 0.89 18.97 34.02
N ASP A 57 1.21 17.92 34.76
CA ASP A 57 2.41 17.12 34.48
C ASP A 57 2.52 16.75 32.99
N SER A 58 1.40 16.41 32.35
CA SER A 58 1.41 16.07 30.93
C SER A 58 1.93 17.23 30.08
N GLY A 59 1.62 18.47 30.49
CA GLY A 59 2.11 19.66 29.79
C GLY A 59 3.62 19.79 29.88
N LYS A 60 4.16 19.52 31.06
CA LYS A 60 5.61 19.54 31.28
C LYS A 60 6.25 18.42 30.44
N GLU A 61 5.66 17.24 30.44
CA GLU A 61 6.13 16.15 29.54
C GLU A 61 6.06 16.53 28.05
N GLY A 62 4.96 17.19 27.68
CA GLY A 62 4.76 17.68 26.34
C GLY A 62 5.90 18.61 25.91
N ILE A 63 6.28 19.55 26.79
CA ILE A 63 7.39 20.47 26.50
C ILE A 63 8.67 19.69 26.21
N LEU A 64 8.94 18.69 27.05
CA LEU A 64 10.11 17.84 26.89
C LEU A 64 10.08 17.12 25.52
N ARG A 65 8.90 16.62 25.15
CA ARG A 65 8.70 15.93 23.90
C ARG A 65 8.84 16.84 22.68
N CYS A 66 8.90 18.14 22.90
CA CYS A 66 9.13 19.07 21.80
C CYS A 66 10.63 19.29 21.54
N HIS A 67 11.48 18.72 22.38
CA HIS A 67 12.94 18.88 22.25
C HIS A 67 13.51 17.75 21.39
N PRO A 68 14.52 18.05 20.56
CA PRO A 68 15.14 16.99 19.76
C PRO A 68 16.20 16.25 20.55
N ASP A 69 16.44 14.98 20.20
CA ASP A 69 17.47 14.21 20.89
C ASP A 69 18.84 14.84 20.58
N LEU A 70 19.70 14.86 21.58
CA LEU A 70 21.12 15.18 21.38
C LEU A 70 21.73 14.15 20.44
N ALA A 71 22.26 14.63 19.32
CA ALA A 71 22.95 13.82 18.29
C ALA A 71 22.01 12.96 17.45
N GLY A 72 20.71 13.24 17.52
CA GLY A 72 19.72 12.36 16.92
C GLY A 72 19.39 12.65 15.48
N ARG A 73 18.24 12.16 15.04
CA ARG A 73 17.84 12.26 13.64
C ARG A 73 17.85 13.67 13.07
N ASP A 74 17.38 14.65 13.84
CA ASP A 74 17.29 16.02 13.33
C ASP A 74 18.67 16.66 13.17
N LEU A 75 19.55 16.43 14.14
CA LEU A 75 20.93 16.86 14.01
C LEU A 75 21.54 16.29 12.70
N GLN A 76 21.39 14.99 12.49
CA GLN A 76 21.96 14.33 11.31
C GLN A 76 21.39 14.85 9.99
N SER A 77 20.11 15.17 10.01
CA SER A 77 19.41 15.61 8.80
C SER A 77 19.61 17.11 8.56
N GLY A 78 20.25 17.77 9.52
CA GLY A 78 20.47 19.22 9.46
C GLY A 78 19.18 19.99 9.63
N THR A 79 18.27 19.46 10.45
CA THR A 79 16.94 20.07 10.57
C THR A 79 16.63 20.51 12.00
N LEU A 80 17.67 20.83 12.77
CA LEU A 80 17.47 21.39 14.10
C LEU A 80 17.13 22.87 14.00
N THR A 81 16.47 23.40 15.02
CA THR A 81 16.26 24.85 15.10
C THR A 81 17.64 25.48 15.21
N PRO A 82 17.78 26.76 14.81
CA PRO A 82 19.09 27.42 14.87
C PRO A 82 19.70 27.36 16.26
N GLU A 83 18.90 27.58 17.30
CA GLU A 83 19.36 27.48 18.69
C GLU A 83 19.81 26.07 19.09
N SER A 84 18.98 25.08 18.78
CA SER A 84 19.32 23.69 19.08
C SER A 84 20.63 23.25 18.40
N GLN A 85 20.83 23.66 17.16
CA GLN A 85 22.05 23.34 16.42
C GLN A 85 23.28 23.92 17.12
N GLU A 86 23.19 25.20 17.50
CA GLU A 86 24.28 25.88 18.21
C GLU A 86 24.58 25.24 19.56
N GLU A 87 23.53 24.87 20.28
CA GLU A 87 23.69 24.25 21.59
C GLU A 87 24.35 22.89 21.51
N GLN A 88 23.95 22.10 20.50
CA GLN A 88 24.50 20.76 20.34
C GLN A 88 25.91 20.80 19.72
N SER A 89 26.14 21.73 18.79
CA SER A 89 27.48 21.93 18.25
C SER A 89 28.44 22.34 19.35
N GLN A 90 28.01 23.29 20.18
CA GLN A 90 28.81 23.73 21.30
C GLN A 90 29.10 22.57 22.28
N ALA A 91 28.16 21.63 22.37
CA ALA A 91 28.31 20.49 23.26
C ALA A 91 29.06 19.32 22.61
N GLY A 92 29.48 19.50 21.36
CA GLY A 92 30.29 18.49 20.65
C GLY A 92 29.53 17.41 19.90
N MET A 93 28.29 17.68 19.51
CA MET A 93 27.41 16.66 18.92
C MET A 93 27.51 16.63 17.40
N THR A 94 28.18 17.63 16.84
CA THR A 94 28.17 17.82 15.41
C THR A 94 29.43 17.28 14.79
N THR A 95 30.31 16.75 15.63
CA THR A 95 31.59 16.25 15.17
C THR A 95 31.85 14.87 15.80
N LEU A 96 30.77 14.15 16.07
CA LEU A 96 30.89 12.79 16.57
C LEU A 96 31.17 11.89 15.37
N ASP A 97 31.93 10.82 15.59
CA ASP A 97 32.14 9.85 14.50
C ASP A 97 30.97 8.87 14.45
N SER A 98 31.00 7.92 13.50
CA SER A 98 29.92 6.94 13.31
C SER A 98 29.60 6.18 14.60
N ALA A 99 30.64 5.81 15.34
CA ALA A 99 30.48 5.05 16.57
C ALA A 99 29.74 5.86 17.59
N GLU A 100 30.19 7.10 17.76
CA GLU A 100 29.61 7.99 18.73
C GLU A 100 28.16 8.25 18.39
N ILE A 101 27.88 8.50 17.11
CA ILE A 101 26.51 8.77 16.67
C ILE A 101 25.61 7.59 17.04
N VAL A 102 26.12 6.38 16.87
CA VAL A 102 25.39 5.16 17.22
C VAL A 102 25.23 5.01 18.72
N HIS A 103 26.26 5.38 19.48
CA HIS A 103 26.23 5.30 20.96
C HIS A 103 25.24 6.29 21.60
N MET A 104 25.20 7.49 21.06
CA MET A 104 24.21 8.49 21.52
C MET A 104 22.81 7.91 21.36
N TYR A 105 22.58 7.29 20.20
CA TYR A 105 21.29 6.70 19.88
C TYR A 105 20.82 5.71 20.98
N ARG A 106 21.72 4.85 21.46
CA ARG A 106 21.35 3.79 22.41
C ARG A 106 21.02 4.27 23.83
N LEU A 107 21.82 5.20 24.35
CA LEU A 107 21.55 5.78 25.65
C LEU A 107 20.23 6.56 25.61
N ASN A 108 20.02 7.32 24.54
CA ASN A 108 18.75 8.02 24.34
C ASN A 108 17.56 7.07 24.22
N SER A 109 17.74 5.98 23.47
CA SER A 109 16.69 4.96 23.39
C SER A 109 16.30 4.42 24.78
N GLU A 110 17.29 4.06 25.61
CA GLU A 110 17.01 3.53 26.95
C GLU A 110 16.26 4.55 27.79
N TYR A 111 16.73 5.79 27.74
CA TYR A 111 16.16 6.86 28.54
C TYR A 111 14.70 7.09 28.16
N LYS A 112 14.45 7.31 26.88
CA LYS A 112 13.10 7.64 26.43
C LYS A 112 12.11 6.47 26.62
N GLU A 113 12.62 5.24 26.54
CA GLU A 113 11.78 4.08 26.81
C GLU A 113 11.35 4.06 28.28
N ARG A 114 12.27 4.43 29.17
CA ARG A 114 11.97 4.47 30.60
C ARG A 114 11.01 5.60 30.99
N PHE A 115 11.31 6.81 30.51
CA PHE A 115 10.63 8.01 30.98
C PHE A 115 9.51 8.52 30.09
N GLY A 116 9.53 8.13 28.83
CA GLY A 116 8.48 8.53 27.89
C GLY A 116 8.61 9.98 27.41
N PHE A 117 9.83 10.51 27.48
CA PHE A 117 10.15 11.81 26.89
C PHE A 117 11.67 11.84 26.64
N PRO A 118 12.13 12.80 25.83
CA PRO A 118 13.58 12.84 25.50
C PRO A 118 14.45 13.26 26.65
N PHE A 119 15.69 12.81 26.62
CA PHE A 119 16.69 13.29 27.57
C PHE A 119 17.05 14.73 27.24
N VAL A 120 16.85 15.61 28.23
CA VAL A 120 17.09 17.04 28.06
C VAL A 120 18.10 17.51 29.10
N ILE A 121 19.13 18.18 28.62
CA ILE A 121 20.13 18.74 29.53
C ILE A 121 20.59 20.08 28.97
N CYS A 122 20.93 21.02 29.84
CA CYS A 122 21.48 22.27 29.37
C CYS A 122 22.84 22.04 28.68
N ALA A 123 22.84 22.04 27.35
CA ALA A 123 24.00 21.60 26.54
C ALA A 123 25.12 22.62 26.50
N ARG A 124 24.79 23.87 26.78
CA ARG A 124 25.79 24.92 26.76
C ARG A 124 26.56 24.91 28.07
N LEU A 125 26.10 24.11 29.02
CA LEU A 125 26.76 23.98 30.31
C LEU A 125 27.43 22.62 30.50
N ASN A 126 27.43 21.79 29.45
CA ASN A 126 27.97 20.43 29.54
C ASN A 126 28.73 20.02 28.28
N ASN A 127 29.86 19.36 28.46
CA ASN A 127 30.60 18.79 27.33
C ASN A 127 30.20 17.34 27.07
N LYS A 128 30.60 16.83 25.90
CA LYS A 128 30.48 15.41 25.50
C LYS A 128 30.40 14.41 26.66
N ALA A 129 31.48 14.32 27.43
CA ALA A 129 31.57 13.37 28.54
C ALA A 129 30.54 13.61 29.64
N ASP A 130 30.32 14.88 30.00
CA ASP A 130 29.36 15.24 31.04
C ASP A 130 27.98 14.71 30.70
N ILE A 131 27.64 14.82 29.42
CA ILE A 131 26.31 14.47 28.92
C ILE A 131 26.06 12.99 29.14
N VAL A 132 27.03 12.16 28.75
CA VAL A 132 26.91 10.73 28.97
C VAL A 132 26.77 10.34 30.44
N ARG A 133 27.54 10.98 31.32
CA ARG A 133 27.47 10.66 32.74
C ARG A 133 26.09 11.01 33.31
N GLN A 134 25.55 12.14 32.86
CA GLN A 134 24.25 12.62 33.31
C GLN A 134 23.13 11.67 32.90
N LEU A 135 23.20 11.24 31.65
CA LEU A 135 22.27 10.28 31.08
C LEU A 135 22.28 9.01 31.91
N SER A 136 23.47 8.47 32.18
CA SER A 136 23.58 7.23 32.94
C SER A 136 23.08 7.36 34.39
N GLU A 137 23.37 8.49 35.05
CA GLU A 137 22.87 8.70 36.42
C GLU A 137 21.37 8.93 36.49
N ARG A 138 20.88 9.80 35.62
CA ARG A 138 19.46 10.13 35.61
C ARG A 138 18.55 8.97 35.20
N LEU A 139 19.11 8.04 34.43
CA LEU A 139 18.41 6.80 34.09
C LEU A 139 17.90 6.06 35.33
N LYS A 140 18.59 6.28 36.45
CA LYS A 140 18.23 5.66 37.74
C LYS A 140 17.09 6.35 38.49
N ASN A 141 16.79 7.59 38.12
CA ASN A 141 15.77 8.35 38.86
C ASN A 141 14.39 7.76 38.70
N ARG A 142 13.54 8.01 39.70
CA ARG A 142 12.13 7.71 39.53
C ARG A 142 11.58 8.74 38.56
N ARG A 143 10.44 8.40 37.97
CA ARG A 143 9.84 9.23 36.93
C ARG A 143 9.39 10.58 37.49
N THR A 144 8.73 10.55 38.66
CA THR A 144 8.26 11.79 39.28
C THR A 144 9.40 12.80 39.42
N ALA A 145 10.52 12.33 39.94
CA ALA A 145 11.70 13.17 40.15
C ALA A 145 12.37 13.62 38.85
N GLU A 146 12.48 12.70 37.90
CA GLU A 146 13.11 13.03 36.64
C GLU A 146 12.36 14.14 35.88
N LEU A 147 11.03 14.12 35.96
CA LEU A 147 10.24 15.17 35.29
C LEU A 147 10.67 16.53 35.84
N GLU A 148 10.68 16.64 37.17
CA GLU A 148 11.14 17.86 37.81
C GLU A 148 12.57 18.23 37.39
N CYS A 149 13.52 17.28 37.47
CA CYS A 149 14.89 17.50 36.99
C CYS A 149 14.98 17.99 35.53
N ALA A 150 14.22 17.36 34.63
CA ALA A 150 14.27 17.75 33.22
C ALA A 150 13.73 19.16 32.99
N ILE A 151 12.66 19.50 33.70
CA ILE A 151 12.02 20.80 33.49
C ILE A 151 12.95 21.90 33.97
N GLU A 152 13.68 21.63 35.05
CA GLU A 152 14.72 22.56 35.49
C GLU A 152 15.75 22.79 34.39
N GLU A 153 16.14 21.74 33.69
CA GLU A 153 17.04 21.89 32.56
C GLU A 153 16.41 22.70 31.44
N VAL A 154 15.13 22.49 31.15
CA VAL A 154 14.48 23.30 30.13
C VAL A 154 14.60 24.78 30.52
N LYS A 155 14.43 25.06 31.80
CA LYS A 155 14.44 26.47 32.21
C LYS A 155 15.85 27.06 32.11
N LYS A 156 16.87 26.24 32.34
CA LYS A 156 18.26 26.65 32.12
C LYS A 156 18.52 26.96 30.64
N ILE A 157 18.10 26.06 29.74
CA ILE A 157 18.21 26.29 28.32
C ILE A 157 17.52 27.59 27.92
N CYS A 158 16.30 27.78 28.41
CA CYS A 158 15.53 28.98 28.13
C CYS A 158 16.29 30.23 28.58
N SER A 159 16.77 30.22 29.81
CA SER A 159 17.53 31.34 30.33
C SER A 159 18.68 31.74 29.41
N LEU A 160 19.47 30.76 28.95
CA LEU A 160 20.59 31.03 28.05
C LEU A 160 20.17 31.47 26.64
N ARG A 161 19.07 30.92 26.12
CA ARG A 161 18.49 31.41 24.89
C ARG A 161 18.09 32.88 24.99
N LEU A 162 17.52 33.27 26.12
CA LEU A 162 17.16 34.66 26.36
C LEU A 162 18.40 35.58 26.40
N HIS A 163 19.43 35.16 27.11
CA HIS A 163 20.69 35.90 27.22
C HIS A 163 21.43 36.04 25.89
N SER A 164 21.29 35.04 25.02
CA SER A 164 21.85 35.11 23.68
C SER A 164 21.15 36.16 22.86
N ILE A 165 19.84 36.31 23.05
CA ILE A 165 19.07 37.33 22.35
C ILE A 165 19.53 38.72 22.83
N VAL A 166 19.71 38.83 24.14
CA VAL A 166 20.23 40.06 24.78
C VAL A 166 21.67 40.33 24.34
N ASP B 2 -7.44 4.14 12.45
CA ASP B 2 -7.27 2.94 13.31
C ASP B 2 -6.58 3.36 14.60
N ILE B 3 -7.35 3.39 15.70
CA ILE B 3 -6.85 3.87 16.97
C ILE B 3 -5.80 2.92 17.56
N ASN B 4 -5.86 1.65 17.18
CA ASN B 4 -4.84 0.71 17.63
C ASN B 4 -3.46 1.10 17.13
N VAL B 5 -3.35 1.50 15.86
CA VAL B 5 -2.06 1.95 15.35
C VAL B 5 -1.61 3.25 16.03
N VAL B 6 -2.55 4.16 16.27
CA VAL B 6 -2.27 5.40 16.98
C VAL B 6 -1.74 5.11 18.38
N ASN B 7 -2.43 4.20 19.07
CA ASN B 7 -2.04 3.82 20.44
C ASN B 7 -0.66 3.18 20.58
N ALA B 8 -0.17 2.57 19.50
CA ALA B 8 1.16 1.96 19.52
C ALA B 8 2.26 2.90 19.01
N LEU B 9 1.90 4.15 18.70
CA LEU B 9 2.88 5.12 18.21
C LEU B 9 3.87 5.52 19.32
N ALA B 10 5.16 5.56 19.00
CA ALA B 10 6.16 6.21 19.83
C ALA B 10 5.80 7.69 19.92
N TYR B 11 6.18 8.36 21.01
CA TYR B 11 5.77 9.77 21.16
C TYR B 11 6.30 10.63 20.01
N GLU B 12 7.50 10.32 19.51
CA GLU B 12 8.05 11.12 18.40
C GLU B 12 7.14 11.10 17.18
N ASP B 13 6.55 9.94 16.90
CA ASP B 13 5.70 9.80 15.72
C ASP B 13 4.31 10.35 15.95
N PHE B 14 3.81 10.16 17.17
CA PHE B 14 2.55 10.77 17.60
C PHE B 14 2.65 12.30 17.46
N VAL B 15 3.76 12.89 17.91
CA VAL B 15 3.96 14.34 17.80
C VAL B 15 4.07 14.78 16.33
N LYS B 16 4.75 14.00 15.50
CA LYS B 16 4.83 14.34 14.07
C LYS B 16 3.46 14.28 13.39
N LEU B 17 2.65 13.28 13.74
CA LEU B 17 1.32 13.09 13.16
C LEU B 17 0.31 14.13 13.61
N PHE B 18 0.29 14.41 14.91
CA PHE B 18 -0.73 15.26 15.51
C PHE B 18 -0.24 16.61 15.98
N GLY B 19 1.02 16.92 15.71
CA GLY B 19 1.68 18.09 16.28
C GLY B 19 1.13 19.43 15.86
N ASN B 20 0.35 19.48 14.78
CA ASN B 20 -0.26 20.74 14.32
C ASN B 20 -1.79 20.79 14.36
N VAL B 21 -2.43 19.85 15.10
CA VAL B 21 -3.88 19.94 15.24
C VAL B 21 -4.29 21.20 16.00
N VAL B 22 -3.38 21.71 16.84
CA VAL B 22 -3.57 23.05 17.37
C VAL B 22 -2.42 23.87 16.77
N GLU B 23 -2.79 24.81 15.91
CA GLU B 23 -1.83 25.58 15.14
C GLU B 23 -0.60 26.04 15.95
N LYS B 24 0.55 25.52 15.53
CA LYS B 24 1.88 25.87 16.09
C LYS B 24 2.02 25.55 17.58
N CYS B 25 1.16 24.67 18.06
CA CYS B 25 1.21 24.22 19.45
C CYS B 25 1.40 22.70 19.63
N PRO B 26 2.55 22.17 19.15
CA PRO B 26 2.78 20.73 19.28
C PRO B 26 2.82 20.26 20.73
N LEU B 27 3.14 21.16 21.65
CA LEU B 27 3.19 20.83 23.06
C LEU B 27 1.87 20.20 23.54
N ILE B 28 0.77 20.69 22.99
CA ILE B 28 -0.55 20.22 23.41
C ILE B 28 -0.80 18.76 22.98
N SER B 29 -0.55 18.46 21.72
CA SER B 29 -0.67 17.07 21.27
C SER B 29 0.42 16.18 21.91
N ALA B 30 1.62 16.72 22.09
CA ALA B 30 2.69 15.97 22.79
C ALA B 30 2.22 15.59 24.20
N ALA B 31 1.55 16.53 24.88
CA ALA B 31 1.09 16.30 26.23
C ALA B 31 0.12 15.14 26.31
N ILE B 32 -0.88 15.14 25.44
CA ILE B 32 -1.97 14.20 25.60
C ILE B 32 -1.56 12.73 25.34
N TRP B 33 -0.42 12.53 24.68
CA TRP B 33 0.15 11.19 24.49
C TRP B 33 0.33 10.49 25.84
N SER B 34 0.52 11.27 26.90
CA SER B 34 0.61 10.68 28.26
C SER B 34 -0.67 9.96 28.71
N TYR B 35 -1.77 10.19 28.00
CA TYR B 35 -3.05 9.59 28.40
C TYR B 35 -3.44 8.37 27.56
N ARG B 36 -2.51 7.89 26.74
CA ARG B 36 -2.73 6.69 25.95
C ARG B 36 -2.88 5.49 26.90
N PRO B 37 -3.58 4.43 26.45
CA PRO B 37 -4.26 4.28 25.17
C PRO B 37 -5.59 5.02 25.08
N PHE B 38 -5.94 5.40 23.86
CA PHE B 38 -7.20 6.09 23.60
C PHE B 38 -8.28 5.12 23.14
N LYS B 39 -9.49 5.39 23.59
CA LYS B 39 -10.63 4.61 23.21
C LYS B 39 -10.93 4.83 21.72
N ASP B 40 -10.88 6.10 21.30
CA ASP B 40 -11.10 6.49 19.92
C ASP B 40 -10.64 7.93 19.68
N LEU B 41 -10.94 8.47 18.50
CA LEU B 41 -10.53 9.83 18.17
C LEU B 41 -11.24 10.85 19.05
N ALA B 42 -12.48 10.54 19.42
CA ALA B 42 -13.23 11.37 20.37
C ALA B 42 -12.53 11.50 21.73
N ASP B 43 -11.88 10.42 22.17
CA ASP B 43 -11.09 10.46 23.40
C ASP B 43 -9.93 11.45 23.29
N ILE B 44 -9.22 11.40 22.16
CA ILE B 44 -8.13 12.35 21.88
C ILE B 44 -8.69 13.78 21.87
N GLU B 45 -9.81 13.97 21.17
CA GLU B 45 -10.46 15.27 21.16
C GLU B 45 -10.77 15.79 22.54
N ALA B 46 -11.34 14.94 23.38
CA ALA B 46 -11.74 15.33 24.74
C ALA B 46 -10.52 15.74 25.57
N ARG B 47 -9.45 14.96 25.47
CA ARG B 47 -8.21 15.24 26.18
C ARG B 47 -7.63 16.60 25.78
N ILE B 48 -7.63 16.90 24.48
CA ILE B 48 -7.14 18.20 24.01
C ILE B 48 -8.00 19.33 24.57
N SER B 49 -9.32 19.19 24.49
CA SER B 49 -10.23 20.19 25.08
C SER B 49 -9.96 20.40 26.58
N GLU B 50 -9.84 19.30 27.32
CA GLU B 50 -9.53 19.38 28.75
C GLU B 50 -8.20 20.08 29.00
N PHE B 51 -7.20 19.75 28.20
CA PHE B 51 -5.88 20.36 28.38
C PHE B 51 -5.97 21.89 28.17
N ILE B 52 -6.59 22.30 27.06
CA ILE B 52 -6.74 23.72 26.75
C ILE B 52 -7.48 24.39 27.92
N HIS B 53 -8.53 23.74 28.41
CA HIS B 53 -9.29 24.33 29.48
C HIS B 53 -8.55 24.45 30.80
N SER B 54 -7.56 23.59 31.02
CA SER B 54 -6.74 23.67 32.24
C SER B 54 -5.77 24.87 32.22
N LEU B 55 -5.57 25.45 31.04
CA LEU B 55 -4.62 26.56 30.89
C LEU B 55 -5.08 27.84 31.56
N PRO B 56 -4.13 28.67 32.01
CA PRO B 56 -4.52 30.00 32.45
C PRO B 56 -5.07 30.74 31.25
N ASP B 57 -5.80 31.83 31.50
CA ASP B 57 -6.26 32.69 30.41
C ASP B 57 -5.13 33.10 29.46
N SER B 58 -3.97 33.44 30.02
CA SER B 58 -2.81 33.81 29.19
C SER B 58 -2.45 32.67 28.24
N GLY B 59 -2.64 31.44 28.70
CA GLY B 59 -2.35 30.27 27.88
C GLY B 59 -3.30 30.19 26.71
N LYS B 60 -4.58 30.51 26.97
CA LYS B 60 -5.59 30.52 25.92
C LYS B 60 -5.31 31.65 24.91
N GLU B 61 -5.07 32.85 25.41
CA GLU B 61 -4.62 33.96 24.58
C GLU B 61 -3.38 33.58 23.78
N GLY B 62 -2.45 32.85 24.42
CA GLY B 62 -1.24 32.42 23.72
C GLY B 62 -1.52 31.50 22.54
N ILE B 63 -2.42 30.55 22.73
CA ILE B 63 -2.83 29.67 21.62
C ILE B 63 -3.36 30.52 20.47
N LEU B 64 -4.19 31.51 20.77
CA LEU B 64 -4.74 32.37 19.74
C LEU B 64 -3.64 33.09 18.96
N ARG B 65 -2.68 33.63 19.70
CA ARG B 65 -1.56 34.38 19.13
C ARG B 65 -0.66 33.54 18.22
N CYS B 66 -0.77 32.21 18.34
CA CYS B 66 -0.06 31.29 17.48
C CYS B 66 -0.77 31.06 16.13
N HIS B 67 -1.96 31.64 15.97
CA HIS B 67 -2.71 31.49 14.72
C HIS B 67 -2.41 32.70 13.83
N PRO B 68 -2.34 32.47 12.51
CA PRO B 68 -2.11 33.54 11.52
C PRO B 68 -3.39 34.29 11.20
N ASP B 69 -3.29 35.59 10.93
CA ASP B 69 -4.45 36.35 10.49
C ASP B 69 -5.07 35.75 9.23
N LEU B 70 -6.39 35.76 9.16
CA LEU B 70 -7.09 35.49 7.92
C LEU B 70 -6.66 36.54 6.87
N ALA B 71 -6.17 36.06 5.73
CA ALA B 71 -5.73 36.89 4.59
C ALA B 71 -4.56 37.82 4.90
N GLY B 72 -3.86 37.58 6.01
CA GLY B 72 -2.77 38.45 6.44
C GLY B 72 -1.42 38.07 5.84
N ARG B 73 -0.35 38.53 6.48
CA ARG B 73 1.00 38.42 5.90
C ARG B 73 1.36 36.99 5.47
N ASP B 74 1.09 36.01 6.33
CA ASP B 74 1.42 34.63 5.99
C ASP B 74 0.65 34.08 4.78
N LEU B 75 -0.63 34.38 4.68
CA LEU B 75 -1.39 33.91 3.52
C LEU B 75 -0.82 34.54 2.24
N GLN B 76 -0.62 35.86 2.28
CA GLN B 76 -0.12 36.59 1.12
C GLN B 76 1.29 36.12 0.74
N SER B 77 2.10 35.75 1.72
CA SER B 77 3.48 35.37 1.48
C SER B 77 3.66 33.87 1.24
N GLY B 78 2.58 33.11 1.25
CA GLY B 78 2.66 31.66 1.09
C GLY B 78 3.50 30.98 2.17
N THR B 79 3.37 31.41 3.41
CA THR B 79 4.13 30.81 4.48
C THR B 79 3.23 30.27 5.59
N LEU B 80 2.00 29.92 5.21
CA LEU B 80 1.08 29.23 6.11
C LEU B 80 1.46 27.77 6.27
N THR B 81 1.11 27.19 7.40
CA THR B 81 1.22 25.74 7.57
C THR B 81 0.24 25.09 6.56
N PRO B 82 0.46 23.82 6.19
CA PRO B 82 -0.44 23.21 5.22
C PRO B 82 -1.91 23.25 5.65
N GLU B 83 -2.17 23.10 6.95
CA GLU B 83 -3.55 23.15 7.46
C GLU B 83 -4.20 24.52 7.31
N SER B 84 -3.51 25.56 7.78
CA SER B 84 -4.00 26.92 7.66
C SER B 84 -4.20 27.30 6.19
N GLN B 85 -3.32 26.85 5.31
CA GLN B 85 -3.48 27.11 3.88
C GLN B 85 -4.76 26.49 3.30
N GLU B 86 -5.02 25.23 3.63
CA GLU B 86 -6.26 24.56 3.19
C GLU B 86 -7.49 25.28 3.75
N GLU B 87 -7.44 25.60 5.04
CA GLU B 87 -8.55 26.29 5.70
C GLU B 87 -8.84 27.66 5.09
N GLN B 88 -7.81 28.50 4.98
CA GLN B 88 -7.98 29.84 4.41
C GLN B 88 -8.42 29.83 2.94
N SER B 89 -7.90 28.90 2.13
CA SER B 89 -8.36 28.76 0.75
C SER B 89 -9.85 28.41 0.74
N GLN B 90 -10.22 27.47 1.60
CA GLN B 90 -11.59 26.98 1.64
C GLN B 90 -12.58 28.08 1.96
N ALA B 91 -12.16 29.02 2.82
CA ALA B 91 -13.02 30.14 3.22
C ALA B 91 -12.95 31.32 2.24
N GLY B 92 -12.22 31.18 1.14
CA GLY B 92 -12.16 32.21 0.11
C GLY B 92 -11.06 33.25 0.27
N MET B 93 -10.09 32.97 1.14
CA MET B 93 -9.10 33.98 1.51
C MET B 93 -8.02 34.20 0.45
N THR B 94 -7.83 33.20 -0.40
CA THR B 94 -6.78 33.24 -1.42
C THR B 94 -7.23 33.93 -2.72
N THR B 95 -8.53 34.20 -2.83
CA THR B 95 -9.06 34.82 -4.06
C THR B 95 -9.76 36.16 -3.77
N LEU B 96 -9.42 36.77 -2.64
CA LEU B 96 -9.97 38.08 -2.31
C LEU B 96 -9.48 39.11 -3.32
N ASP B 97 -10.31 40.10 -3.63
CA ASP B 97 -9.86 41.17 -4.51
C ASP B 97 -9.18 42.26 -3.69
N SER B 98 -8.68 43.29 -4.38
CA SER B 98 -7.92 44.34 -3.72
C SER B 98 -8.67 45.04 -2.60
N ALA B 99 -9.96 45.35 -2.81
CA ALA B 99 -10.72 46.02 -1.78
C ALA B 99 -10.97 45.09 -0.59
N GLU B 100 -11.15 43.81 -0.86
CA GLU B 100 -11.43 42.84 0.20
C GLU B 100 -10.20 42.66 1.10
N ILE B 101 -9.03 42.63 0.48
CA ILE B 101 -7.76 42.50 1.20
C ILE B 101 -7.54 43.66 2.16
N VAL B 102 -7.70 44.88 1.66
CA VAL B 102 -7.67 46.07 2.50
C VAL B 102 -8.70 46.00 3.65
N HIS B 103 -9.92 45.57 3.34
CA HIS B 103 -10.97 45.46 4.35
C HIS B 103 -10.59 44.48 5.46
N MET B 104 -10.08 43.31 5.08
CA MET B 104 -9.67 42.28 6.06
C MET B 104 -8.52 42.81 6.93
N TYR B 105 -7.63 43.58 6.32
CA TYR B 105 -6.55 44.19 7.07
C TYR B 105 -7.08 45.12 8.15
N ARG B 106 -8.03 45.97 7.78
CA ARG B 106 -8.56 46.94 8.72
C ARG B 106 -9.31 46.25 9.84
N LEU B 107 -10.13 45.28 9.47
CA LEU B 107 -10.91 44.55 10.45
C LEU B 107 -10.00 43.76 11.40
N ASN B 108 -9.00 43.07 10.85
CA ASN B 108 -8.05 42.36 11.70
C ASN B 108 -7.31 43.33 12.63
N SER B 109 -6.88 44.47 12.08
CA SER B 109 -6.18 45.47 12.88
C SER B 109 -7.04 45.96 14.05
N GLU B 110 -8.31 46.24 13.81
CA GLU B 110 -9.17 46.75 14.87
C GLU B 110 -9.38 45.68 15.94
N TYR B 111 -9.66 44.46 15.49
CA TYR B 111 -9.84 43.32 16.40
C TYR B 111 -8.63 43.15 17.31
N LYS B 112 -7.45 43.01 16.73
CA LYS B 112 -6.24 42.71 17.51
C LYS B 112 -5.84 43.84 18.45
N GLU B 113 -6.15 45.06 18.03
CA GLU B 113 -5.93 46.22 18.89
C GLU B 113 -6.85 46.17 20.09
N ARG B 114 -8.10 45.78 19.86
CA ARG B 114 -9.07 45.68 20.93
C ARG B 114 -8.78 44.54 21.93
N PHE B 115 -8.50 43.35 21.40
CA PHE B 115 -8.42 42.14 22.23
C PHE B 115 -7.02 41.68 22.62
N GLY B 116 -6.01 42.05 21.81
CA GLY B 116 -4.61 41.66 22.04
C GLY B 116 -4.32 40.20 21.66
N PHE B 117 -5.10 39.69 20.70
CA PHE B 117 -4.83 38.42 20.02
C PHE B 117 -5.52 38.42 18.66
N PRO B 118 -5.14 37.49 17.75
CA PRO B 118 -5.73 37.55 16.40
C PRO B 118 -7.18 37.07 16.40
N PHE B 119 -7.90 37.47 15.37
CA PHE B 119 -9.23 36.96 15.12
C PHE B 119 -9.16 35.55 14.56
N VAL B 120 -9.77 34.64 15.30
CA VAL B 120 -9.82 33.24 14.92
C VAL B 120 -11.28 32.80 14.80
N ILE B 121 -11.57 32.17 13.68
CA ILE B 121 -12.89 31.60 13.44
C ILE B 121 -12.67 30.31 12.67
N CYS B 122 -13.46 29.28 12.96
CA CYS B 122 -13.33 28.05 12.20
C CYS B 122 -13.55 28.27 10.69
N ALA B 123 -12.47 28.35 9.91
CA ALA B 123 -12.57 28.75 8.50
C ALA B 123 -13.36 27.76 7.67
N ARG B 124 -13.19 26.47 7.98
CA ARG B 124 -13.88 25.46 7.18
C ARG B 124 -15.39 25.46 7.40
N LEU B 125 -15.84 26.09 8.48
CA LEU B 125 -17.27 26.09 8.74
C LEU B 125 -17.93 27.38 8.30
N ASN B 126 -17.12 28.33 7.82
CA ASN B 126 -17.63 29.65 7.42
C ASN B 126 -17.14 30.06 6.03
N ASN B 127 -17.99 30.79 5.31
CA ASN B 127 -17.56 31.40 4.05
C ASN B 127 -17.17 32.86 4.29
N LYS B 128 -16.64 33.48 3.24
CA LYS B 128 -16.22 34.88 3.26
C LYS B 128 -17.18 35.87 3.97
N ALA B 129 -18.46 35.85 3.59
CA ALA B 129 -19.42 36.82 4.12
C ALA B 129 -19.70 36.65 5.62
N ASP B 130 -19.82 35.40 6.05
CA ASP B 130 -20.00 35.10 7.47
C ASP B 130 -18.81 35.55 8.29
N ILE B 131 -17.61 35.40 7.73
CA ILE B 131 -16.38 35.85 8.38
C ILE B 131 -16.41 37.35 8.72
N VAL B 132 -16.76 38.19 7.73
CA VAL B 132 -16.85 39.62 7.95
C VAL B 132 -17.92 39.99 8.98
N ARG B 133 -19.06 39.32 8.90
CA ARG B 133 -20.17 39.59 9.83
C ARG B 133 -19.73 39.29 11.26
N GLN B 134 -19.06 38.16 11.42
CA GLN B 134 -18.58 37.67 12.71
C GLN B 134 -17.45 38.52 13.28
N LEU B 135 -16.50 38.93 12.43
CA LEU B 135 -15.50 39.91 12.84
C LEU B 135 -16.17 41.13 13.47
N SER B 136 -17.12 41.71 12.75
CA SER B 136 -17.81 42.93 13.20
C SER B 136 -18.59 42.73 14.48
N GLU B 137 -19.23 41.57 14.59
CA GLU B 137 -20.06 41.25 15.74
C GLU B 137 -19.24 41.04 17.00
N ARG B 138 -18.16 40.29 16.87
CA ARG B 138 -17.35 39.89 18.01
C ARG B 138 -16.52 41.07 18.50
N LEU B 139 -16.32 42.04 17.60
CA LEU B 139 -15.66 43.29 17.89
C LEU B 139 -16.37 44.02 19.02
N LYS B 140 -17.65 43.71 19.22
CA LYS B 140 -18.46 44.33 20.26
C LYS B 140 -18.43 43.58 21.58
N ASN B 141 -17.91 42.36 21.58
CA ASN B 141 -17.84 41.58 22.81
C ASN B 141 -16.87 42.15 23.83
N ARG B 142 -17.20 41.89 25.09
CA ARG B 142 -16.32 42.13 26.22
C ARG B 142 -15.19 41.08 26.16
N ARG B 143 -14.02 41.41 26.70
CA ARG B 143 -12.86 40.52 26.56
C ARG B 143 -13.03 39.09 27.09
N THR B 144 -13.69 38.94 28.22
CA THR B 144 -13.87 37.61 28.82
C THR B 144 -14.75 36.72 27.92
N ALA B 145 -15.86 37.28 27.46
CA ALA B 145 -16.76 36.57 26.57
C ALA B 145 -16.07 36.25 25.25
N GLU B 146 -15.27 37.20 24.74
CA GLU B 146 -14.56 36.98 23.50
C GLU B 146 -13.50 35.89 23.59
N LEU B 147 -12.79 35.84 24.71
CA LEU B 147 -11.80 34.76 24.90
C LEU B 147 -12.47 33.40 24.80
N GLU B 148 -13.62 33.23 25.45
CA GLU B 148 -14.37 31.97 25.38
C GLU B 148 -14.79 31.64 23.94
N CYS B 149 -15.37 32.62 23.26
CA CYS B 149 -15.82 32.49 21.87
C CYS B 149 -14.67 32.04 20.95
N ALA B 150 -13.55 32.74 21.08
CA ALA B 150 -12.38 32.49 20.25
C ALA B 150 -11.82 31.07 20.50
N ILE B 151 -11.75 30.65 21.76
CA ILE B 151 -11.23 29.31 22.08
C ILE B 151 -12.13 28.20 21.55
N GLU B 152 -13.44 28.46 21.57
CA GLU B 152 -14.39 27.50 20.96
C GLU B 152 -14.09 27.34 19.47
N GLU B 153 -13.82 28.44 18.78
CA GLU B 153 -13.38 28.34 17.39
C GLU B 153 -12.09 27.53 17.26
N VAL B 154 -11.10 27.77 18.14
CA VAL B 154 -9.89 26.95 18.11
C VAL B 154 -10.22 25.46 18.21
N LYS B 155 -11.12 25.13 19.14
CA LYS B 155 -11.45 23.74 19.38
C LYS B 155 -12.14 23.12 18.16
N LYS B 156 -12.95 23.90 17.45
CA LYS B 156 -13.56 23.43 16.21
C LYS B 156 -12.51 23.16 15.12
N ILE B 157 -11.58 24.11 14.95
CA ILE B 157 -10.49 23.95 14.00
C ILE B 157 -9.72 22.66 14.30
N CYS B 158 -9.40 22.44 15.57
CA CYS B 158 -8.67 21.26 16.01
C CYS B 158 -9.40 19.94 15.70
N SER B 159 -10.69 19.89 16.04
CA SER B 159 -11.52 18.73 15.71
C SER B 159 -11.46 18.42 14.21
N LEU B 160 -11.62 19.43 13.36
CA LEU B 160 -11.55 19.19 11.93
C LEU B 160 -10.17 18.72 11.52
N ARG B 161 -9.14 19.37 12.05
CA ARG B 161 -7.77 18.94 11.75
C ARG B 161 -7.52 17.47 12.12
N LEU B 162 -7.95 17.10 13.33
CA LEU B 162 -7.83 15.73 13.81
C LEU B 162 -8.53 14.77 12.86
N HIS B 163 -9.72 15.12 12.41
CA HIS B 163 -10.50 14.22 11.55
C HIS B 163 -10.04 14.20 10.10
N SER B 164 -9.15 15.12 9.75
CA SER B 164 -8.53 15.16 8.43
C SER B 164 -7.31 14.28 8.36
N ILE B 165 -6.74 13.92 9.52
CA ILE B 165 -5.54 13.10 9.57
C ILE B 165 -5.82 11.65 9.18
N MET C 1 22.14 -4.38 17.26
CA MET C 1 23.48 -5.02 17.47
C MET C 1 24.63 -4.06 17.25
N ASP C 2 25.67 -4.19 18.06
CA ASP C 2 26.81 -3.28 18.00
C ASP C 2 27.85 -3.79 16.99
N ILE C 3 28.80 -2.92 16.65
CA ILE C 3 29.74 -3.22 15.56
C ILE C 3 30.55 -4.50 15.81
N ASN C 4 30.84 -4.79 17.08
CA ASN C 4 31.70 -5.92 17.40
C ASN C 4 31.01 -7.27 17.17
N VAL C 5 29.71 -7.30 17.45
CA VAL C 5 28.87 -8.48 17.19
C VAL C 5 28.74 -8.69 15.68
N VAL C 6 28.47 -7.60 14.97
CA VAL C 6 28.43 -7.63 13.50
C VAL C 6 29.73 -8.22 12.94
N ASN C 7 30.87 -7.71 13.41
CA ASN C 7 32.17 -8.16 12.94
C ASN C 7 32.50 -9.63 13.25
N ALA C 8 31.86 -10.16 14.29
CA ALA C 8 32.11 -11.55 14.66
C ALA C 8 31.18 -12.55 13.95
N LEU C 9 30.23 -12.05 13.17
CA LEU C 9 29.32 -12.93 12.42
C LEU C 9 30.04 -13.76 11.35
N ALA C 10 29.79 -15.06 11.36
CA ALA C 10 30.16 -15.96 10.27
C ALA C 10 29.49 -15.45 8.99
N TYR C 11 30.08 -15.69 7.82
CA TYR C 11 29.45 -15.12 6.59
C TYR C 11 28.03 -15.62 6.41
N GLU C 12 27.75 -16.88 6.78
CA GLU C 12 26.38 -17.39 6.62
C GLU C 12 25.38 -16.51 7.38
N ASP C 13 25.76 -16.12 8.59
CA ASP C 13 24.89 -15.31 9.43
C ASP C 13 24.84 -13.86 8.94
N PHE C 14 25.98 -13.35 8.49
CA PHE C 14 26.03 -12.01 7.93
C PHE C 14 25.06 -11.88 6.72
N VAL C 15 25.12 -12.84 5.82
CA VAL C 15 24.29 -12.85 4.62
C VAL C 15 22.83 -13.02 5.03
N LYS C 16 22.55 -13.93 5.96
CA LYS C 16 21.18 -14.08 6.41
C LYS C 16 20.61 -12.74 6.89
N LEU C 17 21.39 -12.02 7.68
CA LEU C 17 20.89 -10.80 8.32
C LEU C 17 20.82 -9.61 7.36
N PHE C 18 21.88 -9.44 6.59
CA PHE C 18 22.01 -8.24 5.76
C PHE C 18 21.78 -8.51 4.27
N GLY C 19 21.32 -9.70 3.95
CA GLY C 19 21.24 -10.18 2.55
C GLY C 19 20.28 -9.41 1.65
N ASN C 20 19.43 -8.59 2.24
CA ASN C 20 18.44 -7.85 1.43
C ASN C 20 18.51 -6.35 1.60
N VAL C 21 19.63 -5.84 2.11
CA VAL C 21 19.77 -4.39 2.25
C VAL C 21 19.85 -3.74 0.87
N VAL C 22 20.35 -4.47 -0.12
CA VAL C 22 20.19 -4.09 -1.52
C VAL C 22 19.23 -5.11 -2.10
N GLU C 23 18.04 -4.63 -2.45
CA GLU C 23 16.94 -5.48 -2.85
C GLU C 23 17.30 -6.65 -3.80
N LYS C 24 17.07 -7.86 -3.32
CA LYS C 24 17.37 -9.09 -4.06
C LYS C 24 18.81 -9.22 -4.58
N CYS C 25 19.75 -8.57 -3.90
CA CYS C 25 21.17 -8.65 -4.23
C CYS C 25 22.04 -9.10 -3.05
N PRO C 26 21.80 -10.33 -2.56
CA PRO C 26 22.55 -10.80 -1.38
C PRO C 26 24.03 -10.87 -1.69
N LEU C 27 24.38 -10.99 -2.96
CA LEU C 27 25.78 -11.09 -3.36
C LEU C 27 26.61 -9.88 -2.93
N ILE C 28 25.98 -8.70 -2.92
CA ILE C 28 26.67 -7.48 -2.52
C ILE C 28 27.03 -7.47 -1.04
N SER C 29 26.06 -7.78 -0.18
CA SER C 29 26.31 -7.92 1.25
C SER C 29 27.25 -9.12 1.55
N ALA C 30 27.11 -10.21 0.79
CA ALA C 30 28.04 -11.35 0.95
C ALA C 30 29.47 -10.90 0.61
N ALA C 31 29.59 -10.09 -0.43
CA ALA C 31 30.90 -9.62 -0.89
C ALA C 31 31.65 -8.83 0.17
N ILE C 32 30.96 -7.88 0.79
CA ILE C 32 31.66 -6.92 1.62
C ILE C 32 32.16 -7.54 2.92
N TRP C 33 31.61 -8.69 3.28
CA TRP C 33 32.10 -9.47 4.43
C TRP C 33 33.59 -9.77 4.32
N SER C 34 34.11 -9.83 3.08
CA SER C 34 35.57 -10.00 2.88
C SER C 34 36.40 -8.88 3.49
N TYR C 35 35.78 -7.71 3.68
CA TYR C 35 36.54 -6.55 4.12
C TYR C 35 36.50 -6.32 5.63
N ARG C 36 35.93 -7.28 6.38
CA ARG C 36 35.87 -7.18 7.84
C ARG C 36 37.29 -7.04 8.42
N PRO C 37 37.41 -6.36 9.57
CA PRO C 37 36.33 -5.77 10.36
C PRO C 37 35.82 -4.49 9.74
N PHE C 38 34.56 -4.15 10.01
CA PHE C 38 34.05 -2.83 9.64
C PHE C 38 34.29 -1.92 10.84
N LYS C 39 34.76 -0.69 10.57
CA LYS C 39 35.06 0.27 11.64
C LYS C 39 33.78 0.67 12.37
N ASP C 40 32.70 0.76 11.59
CA ASP C 40 31.44 1.31 12.03
C ASP C 40 30.40 1.18 10.92
N LEU C 41 29.18 1.64 11.17
CA LEU C 41 28.12 1.52 10.19
C LEU C 41 28.47 2.26 8.90
N ALA C 42 29.09 3.43 9.03
CA ALA C 42 29.50 4.20 7.85
C ALA C 42 30.49 3.41 6.99
N ASP C 43 31.29 2.57 7.62
CA ASP C 43 32.24 1.74 6.88
C ASP C 43 31.50 0.65 6.06
N ILE C 44 30.51 0.00 6.68
CA ILE C 44 29.65 -0.93 5.95
C ILE C 44 29.07 -0.25 4.71
N GLU C 45 28.45 0.91 4.93
CA GLU C 45 27.88 1.67 3.82
C GLU C 45 28.88 2.03 2.72
N ALA C 46 30.09 2.41 3.11
CA ALA C 46 31.10 2.80 2.14
C ALA C 46 31.54 1.59 1.30
N ARG C 47 31.68 0.45 1.93
CA ARG C 47 32.08 -0.76 1.20
C ARG C 47 30.99 -1.12 0.17
N ILE C 48 29.74 -1.00 0.59
CA ILE C 48 28.62 -1.24 -0.34
C ILE C 48 28.68 -0.25 -1.51
N SER C 49 28.81 1.04 -1.21
CA SER C 49 28.92 2.04 -2.29
C SER C 49 30.09 1.78 -3.23
N GLU C 50 31.24 1.43 -2.64
CA GLU C 50 32.43 1.18 -3.43
C GLU C 50 32.27 -0.07 -4.29
N PHE C 51 31.60 -1.08 -3.74
CA PHE C 51 31.36 -2.30 -4.52
C PHE C 51 30.49 -1.99 -5.74
N ILE C 52 29.39 -1.31 -5.48
CA ILE C 52 28.48 -0.96 -6.54
C ILE C 52 29.18 -0.12 -7.59
N HIS C 53 30.00 0.83 -7.14
CA HIS C 53 30.65 1.73 -8.10
C HIS C 53 31.61 1.00 -9.02
N SER C 54 32.21 -0.07 -8.52
CA SER C 54 33.16 -0.89 -9.27
C SER C 54 32.53 -1.74 -10.38
N LEU C 55 31.21 -1.90 -10.33
CA LEU C 55 30.51 -2.71 -11.31
C LEU C 55 30.48 -2.02 -12.67
N PRO C 56 30.37 -2.81 -13.76
CA PRO C 56 30.16 -2.15 -15.04
C PRO C 56 28.76 -1.56 -15.01
N ASP C 57 28.47 -0.68 -15.97
CA ASP C 57 27.17 -0.05 -16.07
C ASP C 57 26.04 -1.06 -16.06
N SER C 58 26.25 -2.19 -16.74
CA SER C 58 25.25 -3.26 -16.79
C SER C 58 24.96 -3.83 -15.40
N GLY C 59 25.95 -3.86 -14.51
CA GLY C 59 25.74 -4.33 -13.14
C GLY C 59 24.85 -3.39 -12.37
N LYS C 60 25.05 -2.09 -12.63
CA LYS C 60 24.26 -1.07 -11.96
C LYS C 60 22.82 -1.16 -12.47
N GLU C 61 22.66 -1.31 -13.78
CA GLU C 61 21.34 -1.51 -14.35
C GLU C 61 20.69 -2.78 -13.79
N GLY C 62 21.50 -3.80 -13.63
CA GLY C 62 21.08 -5.07 -13.08
C GLY C 62 20.51 -4.96 -11.67
N ILE C 63 21.20 -4.24 -10.80
CA ILE C 63 20.72 -3.94 -9.45
C ILE C 63 19.31 -3.30 -9.51
N LEU C 64 19.17 -2.25 -10.32
CA LEU C 64 17.89 -1.59 -10.49
C LEU C 64 16.82 -2.58 -10.97
N ARG C 65 17.17 -3.45 -11.92
CA ARG C 65 16.22 -4.44 -12.44
C ARG C 65 15.79 -5.47 -11.41
N CYS C 66 16.52 -5.54 -10.30
CA CYS C 66 16.17 -6.43 -9.21
C CYS C 66 15.12 -5.81 -8.29
N HIS C 67 14.79 -4.54 -8.52
CA HIS C 67 13.81 -3.83 -7.70
C HIS C 67 12.40 -3.94 -8.28
N PRO C 68 11.38 -3.99 -7.44
CA PRO C 68 10.00 -4.05 -7.95
C PRO C 68 9.47 -2.64 -8.26
N ASP C 69 8.62 -2.49 -9.27
CA ASP C 69 7.88 -1.24 -9.50
C ASP C 69 7.17 -0.77 -8.23
N LEU C 70 7.15 0.54 -8.03
CA LEU C 70 6.25 1.13 -7.06
C LEU C 70 4.83 0.86 -7.56
N ALA C 71 4.00 0.31 -6.67
CA ALA C 71 2.59 0.04 -6.96
C ALA C 71 2.41 -0.79 -8.22
N GLY C 72 3.27 -1.79 -8.40
CA GLY C 72 3.23 -2.60 -9.60
C GLY C 72 2.72 -4.00 -9.28
N ARG C 73 3.08 -4.96 -10.13
CA ARG C 73 2.54 -6.32 -10.08
C ARG C 73 2.84 -7.05 -8.76
N ASP C 74 4.06 -6.92 -8.27
CA ASP C 74 4.41 -7.61 -7.03
C ASP C 74 3.65 -7.06 -5.83
N LEU C 75 3.48 -5.73 -5.77
CA LEU C 75 2.70 -5.15 -4.69
C LEU C 75 1.28 -5.73 -4.77
N GLN C 76 0.72 -5.74 -5.97
CA GLN C 76 -0.64 -6.24 -6.18
C GLN C 76 -0.78 -7.73 -5.82
N SER C 77 0.26 -8.50 -6.10
CA SER C 77 0.24 -9.94 -5.83
C SER C 77 0.64 -10.31 -4.40
N GLY C 78 1.08 -9.32 -3.62
CA GLY C 78 1.56 -9.59 -2.28
C GLY C 78 2.82 -10.44 -2.27
N THR C 79 3.68 -10.24 -3.27
CA THR C 79 4.94 -10.97 -3.39
C THR C 79 6.20 -10.08 -3.26
N LEU C 80 6.05 -8.92 -2.63
CA LEU C 80 7.19 -8.06 -2.34
C LEU C 80 7.99 -8.67 -1.19
N THR C 81 9.28 -8.31 -1.12
CA THR C 81 10.07 -8.64 0.05
C THR C 81 9.45 -7.91 1.26
N PRO C 82 9.72 -8.40 2.47
CA PRO C 82 9.19 -7.68 3.64
C PRO C 82 9.56 -6.19 3.63
N GLU C 83 10.82 -5.86 3.30
CA GLU C 83 11.24 -4.49 3.29
C GLU C 83 10.51 -3.64 2.25
N SER C 84 10.42 -4.16 1.02
CA SER C 84 9.70 -3.44 -0.05
C SER C 84 8.22 -3.26 0.29
N GLN C 85 7.61 -4.29 0.86
CA GLN C 85 6.22 -4.18 1.32
C GLN C 85 6.08 -3.00 2.28
N GLU C 86 6.93 -2.96 3.31
CA GLU C 86 6.93 -1.89 4.29
C GLU C 86 7.13 -0.49 3.69
N GLU C 87 8.14 -0.39 2.84
CA GLU C 87 8.49 0.86 2.17
C GLU C 87 7.35 1.40 1.32
N GLN C 88 6.80 0.55 0.47
CA GLN C 88 5.67 0.93 -0.38
C GLN C 88 4.40 1.28 0.44
N SER C 89 4.09 0.52 1.49
CA SER C 89 2.97 0.88 2.37
C SER C 89 3.15 2.26 3.01
N GLN C 90 4.33 2.51 3.58
CA GLN C 90 4.63 3.80 4.20
C GLN C 90 4.52 4.96 3.22
N ALA C 91 4.82 4.70 1.95
CA ALA C 91 4.84 5.74 0.93
C ALA C 91 3.47 5.98 0.30
N GLY C 92 2.49 5.18 0.71
CA GLY C 92 1.12 5.33 0.22
C GLY C 92 0.72 4.52 -1.00
N MET C 93 1.54 3.55 -1.40
CA MET C 93 1.26 2.79 -2.61
C MET C 93 0.15 1.75 -2.47
N THR C 94 -0.26 1.48 -1.24
CA THR C 94 -1.25 0.44 -0.98
C THR C 94 -2.68 0.97 -0.99
N THR C 95 -2.80 2.30 -0.97
CA THR C 95 -4.11 2.93 -0.87
C THR C 95 -4.36 3.93 -1.99
N LEU C 96 -3.88 3.61 -3.19
CA LEU C 96 -4.10 4.46 -4.36
C LEU C 96 -5.51 4.27 -4.93
N ASP C 97 -6.14 5.37 -5.36
CA ASP C 97 -7.45 5.26 -6.04
C ASP C 97 -7.25 4.93 -7.52
N SER C 98 -8.35 4.76 -8.26
CA SER C 98 -8.27 4.27 -9.63
C SER C 98 -7.59 5.28 -10.58
N ALA C 99 -7.72 6.56 -10.28
CA ALA C 99 -7.03 7.57 -11.07
C ALA C 99 -5.51 7.49 -10.83
N GLU C 100 -5.14 7.32 -9.57
CA GLU C 100 -3.72 7.21 -9.18
C GLU C 100 -3.08 5.93 -9.71
N ILE C 101 -3.87 4.86 -9.79
CA ILE C 101 -3.36 3.57 -10.29
C ILE C 101 -2.96 3.71 -11.74
N VAL C 102 -3.83 4.33 -12.54
CA VAL C 102 -3.54 4.40 -13.95
C VAL C 102 -2.37 5.39 -14.21
N HIS C 103 -2.31 6.45 -13.41
CA HIS C 103 -1.25 7.44 -13.50
C HIS C 103 0.12 6.79 -13.20
N MET C 104 0.21 6.08 -12.09
CA MET C 104 1.45 5.35 -11.75
C MET C 104 1.80 4.29 -12.79
N TYR C 105 0.79 3.58 -13.31
CA TYR C 105 1.05 2.58 -14.35
C TYR C 105 1.66 3.22 -15.58
N ARG C 106 1.08 4.33 -16.02
CA ARG C 106 1.57 4.98 -17.24
C ARG C 106 2.99 5.53 -17.04
N LEU C 107 3.22 6.22 -15.94
CA LEU C 107 4.55 6.74 -15.61
C LEU C 107 5.59 5.63 -15.53
N ASN C 108 5.29 4.58 -14.76
CA ASN C 108 6.19 3.44 -14.67
C ASN C 108 6.47 2.88 -16.04
N SER C 109 5.41 2.70 -16.85
CA SER C 109 5.57 2.11 -18.18
C SER C 109 6.51 2.96 -19.06
N GLU C 110 6.28 4.26 -19.07
CA GLU C 110 7.12 5.21 -19.84
C GLU C 110 8.58 5.16 -19.37
N TYR C 111 8.75 5.15 -18.05
CA TYR C 111 10.10 5.13 -17.44
C TYR C 111 10.90 3.90 -17.83
N LYS C 112 10.32 2.72 -17.66
CA LYS C 112 10.95 1.45 -18.01
C LYS C 112 11.28 1.34 -19.48
N GLU C 113 10.37 1.82 -20.31
CA GLU C 113 10.58 1.85 -21.75
C GLU C 113 11.77 2.74 -22.10
N ARG C 114 11.83 3.92 -21.48
CA ARG C 114 12.90 4.88 -21.74
C ARG C 114 14.25 4.41 -21.21
N PHE C 115 14.29 3.92 -19.98
CA PHE C 115 15.60 3.65 -19.34
C PHE C 115 16.04 2.17 -19.31
N GLY C 116 15.09 1.26 -19.54
CA GLY C 116 15.34 -0.17 -19.51
C GLY C 116 15.64 -0.72 -18.11
N PHE C 117 15.13 -0.03 -17.09
CA PHE C 117 15.14 -0.52 -15.71
C PHE C 117 14.03 0.20 -14.96
N PRO C 118 13.59 -0.34 -13.81
CA PRO C 118 12.45 0.28 -13.09
C PRO C 118 12.82 1.61 -12.45
N PHE C 119 11.81 2.44 -12.25
CA PHE C 119 11.93 3.64 -11.46
C PHE C 119 12.13 3.30 -9.96
N VAL C 120 13.25 3.76 -9.42
CA VAL C 120 13.61 3.50 -8.03
C VAL C 120 13.83 4.82 -7.32
N ILE C 121 13.18 4.95 -6.17
CA ILE C 121 13.34 6.13 -5.33
C ILE C 121 13.23 5.68 -3.88
N CYS C 122 13.91 6.38 -2.98
CA CYS C 122 13.82 6.01 -1.56
C CYS C 122 12.42 6.37 -1.03
N ALA C 123 11.61 5.33 -0.81
CA ALA C 123 10.17 5.51 -0.55
C ALA C 123 9.92 5.95 0.89
N ARG C 124 10.89 5.69 1.75
CA ARG C 124 10.75 6.11 3.14
C ARG C 124 11.02 7.60 3.31
N LEU C 125 11.48 8.26 2.23
CA LEU C 125 11.78 9.70 2.28
C LEU C 125 10.88 10.56 1.40
N ASN C 126 9.87 9.94 0.78
CA ASN C 126 8.99 10.68 -0.13
C ASN C 126 7.55 10.27 0.06
N ASN C 127 6.65 11.26 0.05
CA ASN C 127 5.24 10.91 0.03
C ASN C 127 4.84 10.70 -1.42
N LYS C 128 3.61 10.23 -1.63
CA LYS C 128 3.11 9.94 -2.96
C LYS C 128 3.21 11.13 -3.94
N ALA C 129 2.99 12.35 -3.43
CA ALA C 129 3.12 13.54 -4.27
C ALA C 129 4.57 13.73 -4.70
N ASP C 130 5.50 13.58 -3.75
CA ASP C 130 6.93 13.69 -4.05
C ASP C 130 7.37 12.67 -5.12
N ILE C 131 6.81 11.47 -5.04
CA ILE C 131 7.16 10.36 -5.96
C ILE C 131 6.72 10.62 -7.39
N VAL C 132 5.48 11.09 -7.56
CA VAL C 132 4.95 11.43 -8.86
C VAL C 132 5.77 12.55 -9.50
N ARG C 133 6.06 13.59 -8.72
CA ARG C 133 6.85 14.69 -9.23
C ARG C 133 8.22 14.18 -9.68
N GLN C 134 8.85 13.39 -8.81
CA GLN C 134 10.19 12.87 -9.06
C GLN C 134 10.23 11.99 -10.31
N LEU C 135 9.22 11.16 -10.46
CA LEU C 135 9.07 10.31 -11.63
C LEU C 135 8.97 11.16 -12.89
N SER C 136 8.07 12.15 -12.88
CA SER C 136 7.92 13.03 -14.05
C SER C 136 9.22 13.76 -14.38
N GLU C 137 9.89 14.28 -13.36
CA GLU C 137 11.13 15.01 -13.57
C GLU C 137 12.24 14.10 -14.11
N ARG C 138 12.39 12.94 -13.51
CA ARG C 138 13.46 12.01 -13.94
C ARG C 138 13.22 11.37 -15.31
N LEU C 139 11.96 11.28 -15.72
CA LEU C 139 11.64 10.88 -17.08
C LEU C 139 12.38 11.74 -18.10
N LYS C 140 12.66 12.98 -17.74
CA LYS C 140 13.31 13.93 -18.64
C LYS C 140 14.84 13.78 -18.70
N ASN C 141 15.42 13.11 -17.71
CA ASN C 141 16.89 12.96 -17.63
C ASN C 141 17.51 12.19 -18.79
N ARG C 142 18.73 12.55 -19.17
CA ARG C 142 19.53 11.74 -20.07
C ARG C 142 19.82 10.39 -19.40
N ARG C 143 20.07 9.37 -20.21
CA ARG C 143 20.24 8.00 -19.69
C ARG C 143 21.41 7.89 -18.70
N THR C 144 22.55 8.46 -19.04
CA THR C 144 23.72 8.36 -18.15
C THR C 144 23.48 9.03 -16.80
N ALA C 145 22.87 10.22 -16.83
CA ALA C 145 22.55 10.95 -15.61
C ALA C 145 21.53 10.20 -14.78
N GLU C 146 20.58 9.58 -15.46
CA GLU C 146 19.53 8.87 -14.73
C GLU C 146 20.09 7.65 -14.01
N LEU C 147 21.02 6.94 -14.63
CA LEU C 147 21.61 5.77 -13.94
C LEU C 147 22.25 6.22 -12.63
N GLU C 148 22.94 7.36 -12.66
CA GLU C 148 23.61 7.87 -11.46
C GLU C 148 22.57 8.27 -10.42
N CYS C 149 21.51 8.94 -10.86
CA CYS C 149 20.41 9.32 -9.98
C CYS C 149 19.75 8.09 -9.30
N ALA C 150 19.48 7.09 -10.11
CA ALA C 150 18.83 5.85 -9.66
C ALA C 150 19.70 5.09 -8.64
N ILE C 151 20.98 4.96 -8.93
CA ILE C 151 21.86 4.24 -8.02
C ILE C 151 22.02 4.98 -6.67
N GLU C 152 22.00 6.31 -6.72
CA GLU C 152 22.00 7.07 -5.48
C GLU C 152 20.78 6.69 -4.61
N GLU C 153 19.63 6.49 -5.24
CA GLU C 153 18.43 6.10 -4.51
C GLU C 153 18.53 4.69 -3.95
N VAL C 154 19.11 3.76 -4.71
CA VAL C 154 19.40 2.42 -4.17
C VAL C 154 20.23 2.53 -2.89
N LYS C 155 21.24 3.39 -2.92
CA LYS C 155 22.12 3.54 -1.76
C LYS C 155 21.37 4.16 -0.56
N LYS C 156 20.39 5.02 -0.83
CA LYS C 156 19.55 5.56 0.23
C LYS C 156 18.66 4.49 0.87
N ILE C 157 18.00 3.71 0.03
CA ILE C 157 17.16 2.61 0.48
C ILE C 157 18.01 1.66 1.32
N CYS C 158 19.18 1.31 0.79
CA CYS C 158 20.11 0.44 1.52
C CYS C 158 20.47 1.02 2.88
N SER C 159 20.78 2.30 2.93
CA SER C 159 21.15 2.93 4.21
C SER C 159 20.03 2.74 5.23
N LEU C 160 18.79 3.00 4.83
CA LEU C 160 17.69 2.88 5.76
C LEU C 160 17.39 1.43 6.16
N ARG C 161 17.53 0.49 5.23
CA ARG C 161 17.39 -0.93 5.58
C ARG C 161 18.47 -1.32 6.59
N LEU C 162 19.68 -0.81 6.39
CA LEU C 162 20.79 -1.09 7.31
C LEU C 162 20.48 -0.53 8.71
N HIS C 163 20.04 0.72 8.74
CA HIS C 163 19.72 1.37 10.00
C HIS C 163 18.60 0.63 10.75
N SER C 164 17.58 0.22 10.01
CA SER C 164 16.46 -0.53 10.57
C SER C 164 16.93 -1.81 11.25
N ILE C 165 17.95 -2.45 10.70
CA ILE C 165 18.46 -3.69 11.29
C ILE C 165 19.29 -3.49 12.55
N VAL C 166 20.30 -2.63 12.46
CA VAL C 166 21.26 -2.50 13.54
C VAL C 166 20.65 -1.62 14.62
N LEU C 167 19.63 -0.87 14.20
CA LEU C 167 18.63 -0.25 15.06
C LEU C 167 19.03 1.16 15.47
N ASP D 2 14.22 -21.02 -28.19
CA ASP D 2 14.42 -20.06 -29.32
C ASP D 2 15.08 -18.76 -28.87
N ILE D 3 16.28 -18.50 -29.39
CA ILE D 3 17.01 -17.28 -29.08
C ILE D 3 16.25 -16.02 -29.49
N ASN D 4 15.45 -16.12 -30.54
CA ASN D 4 14.66 -14.98 -30.99
C ASN D 4 13.60 -14.58 -29.98
N VAL D 5 12.99 -15.58 -29.35
CA VAL D 5 12.03 -15.36 -28.29
C VAL D 5 12.77 -14.76 -27.09
N VAL D 6 13.95 -15.31 -26.79
CA VAL D 6 14.76 -14.80 -25.67
C VAL D 6 15.10 -13.33 -25.89
N ASN D 7 15.58 -12.98 -27.07
CA ASN D 7 15.92 -11.61 -27.39
C ASN D 7 14.75 -10.62 -27.30
N ALA D 8 13.51 -11.12 -27.38
CA ALA D 8 12.31 -10.28 -27.41
C ALA D 8 11.75 -10.02 -26.00
N LEU D 9 12.29 -10.73 -25.02
CA LEU D 9 11.86 -10.60 -23.63
C LEU D 9 12.10 -9.21 -23.04
N ALA D 10 11.05 -8.68 -22.40
CA ALA D 10 11.19 -7.53 -21.50
C ALA D 10 12.11 -7.94 -20.34
N TYR D 11 12.81 -6.98 -19.75
CA TYR D 11 13.78 -7.35 -18.70
C TYR D 11 13.11 -8.11 -17.55
N GLU D 12 11.88 -7.72 -17.19
CA GLU D 12 11.18 -8.42 -16.11
C GLU D 12 11.05 -9.91 -16.38
N ASP D 13 10.71 -10.25 -17.62
CA ASP D 13 10.55 -11.67 -18.00
C ASP D 13 11.88 -12.42 -18.17
N PHE D 14 12.89 -11.72 -18.68
CA PHE D 14 14.25 -12.27 -18.75
C PHE D 14 14.78 -12.63 -17.35
N VAL D 15 14.58 -11.72 -16.39
CA VAL D 15 15.03 -11.90 -15.02
C VAL D 15 14.25 -13.04 -14.34
N LYS D 16 12.95 -13.13 -14.61
CA LYS D 16 12.16 -14.25 -14.08
C LYS D 16 12.60 -15.61 -14.60
N LEU D 17 13.00 -15.65 -15.87
CA LEU D 17 13.40 -16.89 -16.53
C LEU D 17 14.81 -17.31 -16.15
N PHE D 18 15.74 -16.38 -16.17
CA PHE D 18 17.16 -16.69 -15.96
C PHE D 18 17.70 -16.26 -14.61
N GLY D 19 16.83 -15.75 -13.75
CA GLY D 19 17.27 -15.10 -12.51
C GLY D 19 17.99 -16.00 -11.52
N ASN D 20 17.85 -17.32 -11.69
CA ASN D 20 18.56 -18.27 -10.80
C ASN D 20 19.61 -19.16 -11.48
N VAL D 21 20.09 -18.77 -12.67
CA VAL D 21 21.10 -19.60 -13.32
C VAL D 21 22.42 -19.51 -12.57
N VAL D 22 22.63 -18.40 -11.86
CA VAL D 22 23.70 -18.32 -10.88
C VAL D 22 23.00 -18.19 -9.54
N GLU D 23 23.23 -19.17 -8.68
CA GLU D 23 22.43 -19.39 -7.47
C GLU D 23 22.21 -18.11 -6.63
N LYS D 24 20.95 -17.73 -6.46
CA LYS D 24 20.57 -16.53 -5.70
C LYS D 24 21.26 -15.23 -6.17
N CYS D 25 21.63 -15.20 -7.46
CA CYS D 25 22.28 -14.02 -8.02
C CYS D 25 21.52 -13.51 -9.28
N PRO D 26 20.25 -13.07 -9.10
CA PRO D 26 19.49 -12.58 -10.28
C PRO D 26 20.11 -11.33 -10.91
N LEU D 27 20.90 -10.62 -10.12
CA LEU D 27 21.57 -9.43 -10.62
C LEU D 27 22.43 -9.71 -11.87
N ILE D 28 23.02 -10.90 -11.91
CA ILE D 28 23.90 -11.26 -13.02
C ILE D 28 23.08 -11.43 -14.29
N SER D 29 22.01 -12.21 -14.22
CA SER D 29 21.11 -12.37 -15.35
C SER D 29 20.49 -11.00 -15.73
N ALA D 30 20.14 -10.20 -14.72
CA ALA D 30 19.61 -8.86 -14.94
C ALA D 30 20.56 -7.99 -15.74
N ALA D 31 21.84 -8.03 -15.35
CA ALA D 31 22.88 -7.22 -15.97
C ALA D 31 23.03 -7.52 -17.44
N ILE D 32 23.15 -8.81 -17.76
CA ILE D 32 23.47 -9.22 -19.12
C ILE D 32 22.38 -8.90 -20.15
N TRP D 33 21.16 -8.70 -19.68
CA TRP D 33 20.08 -8.20 -20.54
C TRP D 33 20.47 -6.88 -21.24
N SER D 34 21.39 -6.12 -20.65
CA SER D 34 21.88 -4.91 -21.31
C SER D 34 22.61 -5.19 -22.63
N TYR D 35 23.09 -6.41 -22.81
CA TYR D 35 23.88 -6.72 -24.00
C TYR D 35 23.12 -7.42 -25.13
N ARG D 36 21.79 -7.50 -24.98
CA ARG D 36 20.93 -8.03 -26.03
C ARG D 36 21.07 -7.15 -27.27
N PRO D 37 20.88 -7.72 -28.47
CA PRO D 37 20.45 -9.10 -28.68
C PRO D 37 21.63 -10.06 -28.56
N PHE D 38 21.32 -11.30 -28.19
CA PHE D 38 22.30 -12.34 -28.12
C PHE D 38 22.30 -13.14 -29.41
N LYS D 39 23.50 -13.57 -29.82
CA LYS D 39 23.66 -14.43 -30.99
C LYS D 39 23.01 -15.79 -30.76
N ASP D 40 23.22 -16.34 -29.57
CA ASP D 40 22.83 -17.70 -29.22
C ASP D 40 23.09 -17.93 -27.73
N LEU D 41 22.86 -19.16 -27.26
CA LEU D 41 23.09 -19.52 -25.86
C LEU D 41 24.56 -19.33 -25.44
N ALA D 42 25.48 -19.64 -26.35
CA ALA D 42 26.90 -19.42 -26.10
C ALA D 42 27.23 -17.95 -25.85
N ASP D 43 26.54 -17.06 -26.57
CA ASP D 43 26.67 -15.63 -26.35
C ASP D 43 26.21 -15.26 -24.92
N ILE D 44 25.08 -15.79 -24.50
CA ILE D 44 24.58 -15.60 -23.11
C ILE D 44 25.61 -16.08 -22.09
N GLU D 45 26.13 -17.29 -22.31
CA GLU D 45 27.13 -17.87 -21.42
C GLU D 45 28.36 -17.00 -21.32
N ALA D 46 28.80 -16.47 -22.45
CA ALA D 46 30.01 -15.66 -22.47
C ALA D 46 29.79 -14.34 -21.74
N ARG D 47 28.62 -13.77 -21.90
CA ARG D 47 28.31 -12.53 -21.22
C ARG D 47 28.33 -12.77 -19.70
N ILE D 48 27.74 -13.88 -19.29
CA ILE D 48 27.74 -14.21 -17.86
C ILE D 48 29.17 -14.38 -17.33
N SER D 49 29.97 -15.18 -18.01
CA SER D 49 31.33 -15.41 -17.60
C SER D 49 32.13 -14.11 -17.53
N GLU D 50 31.92 -13.25 -18.53
CA GLU D 50 32.62 -11.98 -18.64
C GLU D 50 32.21 -11.05 -17.50
N PHE D 51 30.92 -11.02 -17.19
CA PHE D 51 30.43 -10.22 -16.06
C PHE D 51 31.08 -10.67 -14.75
N ILE D 52 31.02 -11.98 -14.46
CA ILE D 52 31.64 -12.50 -13.24
C ILE D 52 33.13 -12.16 -13.16
N HIS D 53 33.84 -12.36 -14.26
CA HIS D 53 35.26 -12.06 -14.34
C HIS D 53 35.59 -10.62 -13.97
N SER D 54 34.71 -9.71 -14.36
CA SER D 54 34.92 -8.29 -14.14
C SER D 54 34.74 -7.86 -12.69
N LEU D 55 34.20 -8.74 -11.87
CA LEU D 55 33.92 -8.37 -10.48
C LEU D 55 35.20 -8.38 -9.66
N PRO D 56 35.22 -7.59 -8.56
CA PRO D 56 36.35 -7.68 -7.65
C PRO D 56 36.35 -9.07 -7.05
N ASP D 57 37.48 -9.49 -6.48
CA ASP D 57 37.57 -10.81 -5.86
C ASP D 57 36.44 -11.03 -4.86
N SER D 58 36.11 -9.98 -4.12
CA SER D 58 35.04 -10.04 -3.12
C SER D 58 33.68 -10.35 -3.77
N GLY D 59 33.46 -9.88 -4.98
CA GLY D 59 32.21 -10.18 -5.67
C GLY D 59 32.15 -11.66 -6.02
N LYS D 60 33.30 -12.23 -6.40
CA LYS D 60 33.36 -13.64 -6.76
C LYS D 60 33.11 -14.46 -5.50
N GLU D 61 33.68 -14.02 -4.39
CA GLU D 61 33.45 -14.69 -3.10
C GLU D 61 31.99 -14.52 -2.67
N GLY D 62 31.43 -13.35 -2.93
CA GLY D 62 30.01 -13.07 -2.65
C GLY D 62 29.09 -14.06 -3.37
N ILE D 63 29.34 -14.31 -4.67
CA ILE D 63 28.59 -15.33 -5.42
C ILE D 63 28.70 -16.69 -4.72
N LEU D 64 29.92 -17.10 -4.36
CA LEU D 64 30.14 -18.39 -3.70
C LEU D 64 29.32 -18.45 -2.40
N ARG D 65 29.34 -17.36 -1.64
CA ARG D 65 28.63 -17.26 -0.35
C ARG D 65 27.12 -17.29 -0.49
N CYS D 66 26.63 -17.10 -1.71
CA CYS D 66 25.20 -17.24 -2.00
C CYS D 66 24.80 -18.70 -2.23
N HIS D 67 25.79 -19.60 -2.29
CA HIS D 67 25.48 -21.00 -2.55
C HIS D 67 25.27 -21.75 -1.24
N PRO D 68 24.38 -22.73 -1.21
CA PRO D 68 24.16 -23.49 0.03
C PRO D 68 25.16 -24.64 0.16
N ASP D 69 25.51 -25.00 1.40
CA ASP D 69 26.41 -26.13 1.61
C ASP D 69 25.83 -27.44 1.06
N LEU D 70 26.68 -28.28 0.51
CA LEU D 70 26.21 -29.59 0.10
C LEU D 70 25.85 -30.33 1.39
N ALA D 71 24.62 -30.80 1.47
CA ALA D 71 24.12 -31.57 2.63
C ALA D 71 23.97 -30.73 3.90
N GLY D 72 23.88 -29.41 3.72
CA GLY D 72 23.83 -28.50 4.86
C GLY D 72 22.42 -28.19 5.34
N ARG D 73 22.30 -27.09 6.06
CA ARG D 73 21.07 -26.77 6.76
C ARG D 73 19.87 -26.61 5.82
N ASP D 74 20.06 -25.91 4.72
CA ASP D 74 18.98 -25.72 3.76
C ASP D 74 18.53 -27.04 3.12
N LEU D 75 19.49 -27.89 2.80
CA LEU D 75 19.14 -29.23 2.33
C LEU D 75 18.32 -29.96 3.41
N GLN D 76 18.82 -29.99 4.64
CA GLN D 76 18.11 -30.67 5.74
C GLN D 76 16.73 -30.10 6.03
N SER D 77 16.58 -28.78 5.89
CA SER D 77 15.34 -28.11 6.21
C SER D 77 14.38 -27.96 5.02
N GLY D 78 14.77 -28.47 3.87
CA GLY D 78 13.94 -28.45 2.68
C GLY D 78 13.74 -27.07 2.08
N THR D 79 14.76 -26.23 2.20
CA THR D 79 14.65 -24.84 1.78
C THR D 79 15.62 -24.45 0.67
N LEU D 80 16.11 -25.44 -0.06
CA LEU D 80 16.92 -25.17 -1.26
C LEU D 80 16.08 -24.64 -2.39
N THR D 81 16.70 -23.89 -3.30
CA THR D 81 16.08 -23.55 -4.56
C THR D 81 15.76 -24.84 -5.31
N PRO D 82 14.80 -24.78 -6.23
CA PRO D 82 14.44 -25.97 -7.00
C PRO D 82 15.67 -26.56 -7.71
N GLU D 83 16.53 -25.68 -8.24
CA GLU D 83 17.73 -26.13 -8.91
C GLU D 83 18.72 -26.81 -7.96
N SER D 84 18.99 -26.18 -6.82
CA SER D 84 19.93 -26.74 -5.85
C SER D 84 19.40 -28.08 -5.30
N GLN D 85 18.09 -28.15 -5.05
CA GLN D 85 17.49 -29.40 -4.57
C GLN D 85 17.78 -30.53 -5.57
N GLU D 86 17.52 -30.24 -6.84
CA GLU D 86 17.78 -31.21 -7.92
C GLU D 86 19.24 -31.65 -7.99
N GLU D 87 20.14 -30.68 -7.95
CA GLU D 87 21.57 -30.94 -8.07
C GLU D 87 22.07 -31.81 -6.91
N GLN D 88 21.71 -31.40 -5.69
CA GLN D 88 22.17 -32.11 -4.49
C GLN D 88 21.60 -33.52 -4.39
N SER D 89 20.35 -33.69 -4.82
CA SER D 89 19.76 -35.04 -4.75
C SER D 89 20.40 -35.94 -5.81
N GLN D 90 20.75 -35.36 -6.96
CA GLN D 90 21.46 -36.11 -7.99
C GLN D 90 22.86 -36.57 -7.53
N ALA D 91 23.49 -35.80 -6.65
CA ALA D 91 24.83 -36.13 -6.17
C ALA D 91 24.82 -37.00 -4.91
N GLY D 92 23.64 -37.39 -4.47
CA GLY D 92 23.49 -38.31 -3.34
C GLY D 92 23.40 -37.66 -1.97
N MET D 93 23.17 -36.36 -1.94
CA MET D 93 23.18 -35.61 -0.68
C MET D 93 21.90 -35.76 0.15
N THR D 94 20.86 -36.31 -0.46
CA THR D 94 19.57 -36.44 0.23
C THR D 94 19.39 -37.78 0.95
N THR D 95 20.32 -38.72 0.76
CA THR D 95 20.14 -40.04 1.36
C THR D 95 21.33 -40.46 2.24
N LEU D 96 22.07 -39.47 2.71
CA LEU D 96 23.18 -39.71 3.61
C LEU D 96 22.68 -40.24 4.95
N ASP D 97 23.47 -41.10 5.58
CA ASP D 97 23.18 -41.54 6.94
C ASP D 97 23.75 -40.52 7.94
N SER D 98 23.55 -40.76 9.23
CA SER D 98 23.97 -39.83 10.26
C SER D 98 25.46 -39.55 10.30
N ALA D 99 26.28 -40.59 10.16
CA ALA D 99 27.72 -40.41 10.18
C ALA D 99 28.15 -39.55 9.00
N GLU D 100 27.56 -39.81 7.84
CA GLU D 100 27.84 -39.08 6.58
C GLU D 100 27.43 -37.60 6.63
N ILE D 101 26.27 -37.35 7.24
CA ILE D 101 25.82 -35.97 7.48
C ILE D 101 26.84 -35.20 8.32
N VAL D 102 27.29 -35.82 9.42
CA VAL D 102 28.31 -35.20 10.25
C VAL D 102 29.63 -35.06 9.48
N HIS D 103 29.96 -36.06 8.66
CA HIS D 103 31.22 -36.03 7.91
C HIS D 103 31.19 -34.84 6.93
N MET D 104 30.09 -34.70 6.21
CA MET D 104 29.90 -33.55 5.33
C MET D 104 29.99 -32.22 6.11
N TYR D 105 29.41 -32.19 7.30
CA TYR D 105 29.49 -31.00 8.12
C TYR D 105 30.94 -30.65 8.46
N ARG D 106 31.71 -31.66 8.89
CA ARG D 106 33.11 -31.47 9.24
C ARG D 106 33.96 -31.04 8.04
N LEU D 107 33.81 -31.71 6.91
CA LEU D 107 34.49 -31.34 5.68
C LEU D 107 34.14 -29.91 5.27
N ASN D 108 32.86 -29.57 5.30
CA ASN D 108 32.42 -28.21 4.96
C ASN D 108 32.97 -27.20 5.95
N SER D 109 32.91 -27.51 7.24
CA SER D 109 33.43 -26.60 8.25
C SER D 109 34.93 -26.28 8.04
N GLU D 110 35.73 -27.30 7.77
CA GLU D 110 37.17 -27.10 7.59
C GLU D 110 37.44 -26.26 6.33
N TYR D 111 36.68 -26.52 5.28
CA TYR D 111 36.87 -25.78 4.03
C TYR D 111 36.51 -24.30 4.17
N LYS D 112 35.31 -24.05 4.69
CA LYS D 112 34.86 -22.68 4.86
C LYS D 112 35.69 -21.88 5.85
N GLU D 113 36.25 -22.54 6.85
CA GLU D 113 37.12 -21.85 7.78
C GLU D 113 38.44 -21.45 7.10
N ARG D 114 38.91 -22.27 6.17
CA ARG D 114 40.16 -21.96 5.48
C ARG D 114 39.97 -20.88 4.41
N PHE D 115 38.87 -20.97 3.65
CA PHE D 115 38.72 -20.09 2.47
C PHE D 115 37.80 -18.90 2.68
N GLY D 116 36.89 -19.02 3.65
CA GLY D 116 35.86 -18.00 3.97
C GLY D 116 34.75 -17.84 2.90
N PHE D 117 34.48 -18.94 2.21
CA PHE D 117 33.27 -19.11 1.42
C PHE D 117 32.94 -20.61 1.36
N PRO D 118 31.72 -20.97 0.95
CA PRO D 118 31.33 -22.37 0.89
C PRO D 118 32.09 -23.15 -0.18
N PHE D 119 32.28 -24.44 0.10
CA PHE D 119 32.66 -25.40 -0.94
C PHE D 119 31.57 -25.58 -2.01
N VAL D 120 31.94 -25.28 -3.25
CA VAL D 120 31.05 -25.37 -4.38
C VAL D 120 31.72 -26.26 -5.45
N ILE D 121 30.96 -27.22 -5.96
CA ILE D 121 31.43 -28.09 -7.03
C ILE D 121 30.20 -28.38 -7.88
N CYS D 122 30.39 -28.55 -9.20
CA CYS D 122 29.25 -28.82 -10.06
C CYS D 122 28.73 -30.22 -9.74
N ALA D 123 27.61 -30.28 -9.00
CA ALA D 123 27.16 -31.56 -8.46
C ALA D 123 26.70 -32.52 -9.56
N ARG D 124 26.19 -31.96 -10.65
CA ARG D 124 25.67 -32.77 -11.75
C ARG D 124 26.77 -33.47 -12.56
N LEU D 125 28.04 -33.09 -12.34
CA LEU D 125 29.17 -33.75 -12.98
C LEU D 125 30.04 -34.55 -12.00
N ASN D 126 29.55 -34.74 -10.79
CA ASN D 126 30.30 -35.42 -9.75
C ASN D 126 29.40 -36.33 -8.92
N ASN D 127 29.91 -37.46 -8.46
CA ASN D 127 29.14 -38.27 -7.52
C ASN D 127 29.60 -37.99 -6.10
N LYS D 128 28.96 -38.64 -5.13
CA LYS D 128 29.30 -38.47 -3.73
C LYS D 128 30.79 -38.65 -3.45
N ALA D 129 31.37 -39.73 -3.97
CA ALA D 129 32.79 -40.00 -3.76
C ALA D 129 33.66 -38.87 -4.29
N ASP D 130 33.37 -38.45 -5.51
CA ASP D 130 34.00 -37.28 -6.13
C ASP D 130 33.93 -36.06 -5.19
N ILE D 131 32.75 -35.82 -4.64
CA ILE D 131 32.53 -34.65 -3.79
C ILE D 131 33.39 -34.73 -2.53
N VAL D 132 33.31 -35.87 -1.83
CA VAL D 132 34.12 -36.08 -0.64
C VAL D 132 35.61 -35.93 -0.95
N ARG D 133 36.05 -36.48 -2.08
CA ARG D 133 37.46 -36.38 -2.47
C ARG D 133 37.88 -34.92 -2.64
N GLN D 134 37.08 -34.18 -3.39
CA GLN D 134 37.38 -32.78 -3.72
C GLN D 134 37.37 -31.87 -2.50
N LEU D 135 36.51 -32.16 -1.53
CA LEU D 135 36.49 -31.41 -0.29
C LEU D 135 37.82 -31.46 0.48
N SER D 136 38.55 -32.57 0.36
CA SER D 136 39.86 -32.64 1.01
C SER D 136 40.98 -32.20 0.09
N GLU D 137 40.87 -32.53 -1.20
CA GLU D 137 41.90 -32.17 -2.17
C GLU D 137 42.02 -30.66 -2.34
N ARG D 138 40.88 -29.99 -2.37
CA ARG D 138 40.87 -28.54 -2.57
C ARG D 138 41.33 -27.76 -1.35
N LEU D 139 41.30 -28.42 -0.19
CA LEU D 139 41.84 -27.86 1.04
C LEU D 139 43.31 -27.46 0.91
N LYS D 140 44.06 -28.17 0.07
CA LYS D 140 45.49 -27.90 -0.10
C LYS D 140 45.80 -26.72 -1.02
N ASN D 141 44.76 -26.16 -1.64
CA ASN D 141 44.96 -25.06 -2.58
C ASN D 141 45.25 -23.75 -1.89
N ARG D 142 46.06 -22.93 -2.58
CA ARG D 142 46.34 -21.56 -2.20
C ARG D 142 45.04 -20.81 -2.32
N ARG D 143 44.87 -19.76 -1.53
CA ARG D 143 43.62 -18.97 -1.56
C ARG D 143 43.29 -18.39 -2.94
N THR D 144 44.25 -17.73 -3.61
CA THR D 144 43.96 -17.16 -4.93
C THR D 144 43.57 -18.24 -5.94
N ALA D 145 44.31 -19.34 -5.93
CA ALA D 145 44.02 -20.48 -6.80
C ALA D 145 42.63 -21.10 -6.51
N GLU D 146 42.26 -21.20 -5.23
CA GLU D 146 41.00 -21.85 -4.88
C GLU D 146 39.81 -21.01 -5.31
N LEU D 147 39.92 -19.68 -5.17
CA LEU D 147 38.84 -18.80 -5.66
C LEU D 147 38.57 -19.05 -7.14
N GLU D 148 39.63 -19.16 -7.94
CA GLU D 148 39.48 -19.42 -9.37
C GLU D 148 38.82 -20.77 -9.62
N CYS D 149 39.31 -21.79 -8.90
CA CYS D 149 38.72 -23.12 -8.97
C CYS D 149 37.22 -23.09 -8.66
N ALA D 150 36.87 -22.46 -7.54
CA ALA D 150 35.48 -22.36 -7.10
C ALA D 150 34.57 -21.64 -8.11
N ILE D 151 35.04 -20.51 -8.63
CA ILE D 151 34.27 -19.76 -9.60
C ILE D 151 34.05 -20.57 -10.87
N GLU D 152 35.05 -21.35 -11.27
CA GLU D 152 34.87 -22.20 -12.42
C GLU D 152 33.75 -23.22 -12.17
N GLU D 153 33.61 -23.68 -10.93
CA GLU D 153 32.52 -24.62 -10.61
C GLU D 153 31.15 -23.93 -10.70
N VAL D 154 31.07 -22.71 -10.19
CA VAL D 154 29.85 -21.91 -10.36
C VAL D 154 29.42 -21.79 -11.81
N LYS D 155 30.37 -21.53 -12.70
CA LYS D 155 30.08 -21.34 -14.10
C LYS D 155 29.61 -22.65 -14.78
N LYS D 156 30.17 -23.77 -14.36
CA LYS D 156 29.68 -25.08 -14.80
C LYS D 156 28.23 -25.32 -14.34
N ILE D 157 27.95 -25.02 -13.07
CA ILE D 157 26.58 -25.08 -12.56
C ILE D 157 25.65 -24.20 -13.41
N CYS D 158 26.09 -22.96 -13.67
CA CYS D 158 25.34 -22.02 -14.49
C CYS D 158 25.05 -22.58 -15.89
N SER D 159 26.09 -23.08 -16.56
CA SER D 159 25.91 -23.66 -17.88
C SER D 159 24.83 -24.75 -17.90
N LEU D 160 24.82 -25.62 -16.89
CA LEU D 160 23.82 -26.67 -16.84
C LEU D 160 22.44 -26.10 -16.52
N ARG D 161 22.37 -25.12 -15.63
CA ARG D 161 21.09 -24.44 -15.38
C ARG D 161 20.52 -23.77 -16.64
N LEU D 162 21.37 -23.07 -17.38
CA LEU D 162 20.98 -22.50 -18.66
C LEU D 162 20.42 -23.56 -19.61
N HIS D 163 21.08 -24.71 -19.66
CA HIS D 163 20.70 -25.75 -20.62
C HIS D 163 19.45 -26.53 -20.20
N SER D 164 19.15 -26.50 -18.90
CA SER D 164 17.90 -27.06 -18.38
C SER D 164 16.73 -26.16 -18.79
N ILE D 165 16.99 -24.86 -18.81
CA ILE D 165 16.20 -23.89 -19.57
C ILE D 165 15.98 -22.53 -18.90
N ASP E 2 -38.84 -34.96 -18.86
CA ASP E 2 -38.44 -36.15 -18.04
C ASP E 2 -37.48 -35.73 -16.94
N ILE E 3 -38.00 -35.61 -15.73
CA ILE E 3 -37.22 -35.15 -14.58
C ILE E 3 -36.11 -36.11 -14.18
N ASN E 4 -36.27 -37.40 -14.50
CA ASN E 4 -35.25 -38.36 -14.15
C ASN E 4 -33.96 -38.10 -14.91
N VAL E 5 -34.07 -37.70 -16.18
CA VAL E 5 -32.90 -37.32 -16.95
C VAL E 5 -32.33 -35.97 -16.46
N VAL E 6 -33.21 -34.99 -16.26
CA VAL E 6 -32.81 -33.72 -15.63
C VAL E 6 -32.08 -33.96 -14.33
N ASN E 7 -32.64 -34.80 -13.45
CA ASN E 7 -32.01 -35.13 -12.18
C ASN E 7 -30.66 -35.84 -12.29
N ALA E 8 -30.36 -36.39 -13.46
CA ALA E 8 -29.10 -37.13 -13.62
C ALA E 8 -27.98 -36.28 -14.25
N LEU E 9 -28.31 -35.06 -14.66
CA LEU E 9 -27.37 -34.21 -15.38
C LEU E 9 -26.23 -33.74 -14.51
N ALA E 10 -25.04 -33.71 -15.09
CA ALA E 10 -23.91 -32.98 -14.52
C ALA E 10 -24.29 -31.49 -14.47
N TYR E 11 -23.76 -30.77 -13.49
CA TYR E 11 -24.12 -29.35 -13.37
C TYR E 11 -23.83 -28.60 -14.67
N GLU E 12 -22.75 -28.98 -15.38
CA GLU E 12 -22.40 -28.24 -16.60
C GLU E 12 -23.50 -28.32 -17.67
N ASP E 13 -24.10 -29.49 -17.79
CA ASP E 13 -25.17 -29.69 -18.77
C ASP E 13 -26.49 -29.05 -18.33
N PHE E 14 -26.76 -29.11 -17.04
CA PHE E 14 -27.89 -28.43 -16.43
C PHE E 14 -27.80 -26.92 -16.68
N VAL E 15 -26.62 -26.34 -16.48
CA VAL E 15 -26.43 -24.91 -16.70
C VAL E 15 -26.57 -24.58 -18.20
N LYS E 16 -26.03 -25.43 -19.06
CA LYS E 16 -26.22 -25.21 -20.50
C LYS E 16 -27.70 -25.20 -20.87
N LEU E 17 -28.46 -26.13 -20.30
CA LEU E 17 -29.88 -26.32 -20.65
C LEU E 17 -30.79 -25.28 -20.04
N PHE E 18 -30.54 -24.94 -18.78
CA PHE E 18 -31.43 -24.07 -18.03
C PHE E 18 -30.84 -22.69 -17.82
N GLY E 19 -29.63 -22.49 -18.35
CA GLY E 19 -28.85 -21.27 -18.12
C GLY E 19 -29.51 -19.94 -18.43
N ASN E 20 -30.48 -19.91 -19.34
CA ASN E 20 -31.12 -18.64 -19.71
C ASN E 20 -32.60 -18.57 -19.36
N VAL E 21 -33.07 -19.42 -18.45
CA VAL E 21 -34.49 -19.33 -18.05
C VAL E 21 -34.81 -18.03 -17.32
N VAL E 22 -33.79 -17.45 -16.67
CA VAL E 22 -33.86 -16.07 -16.20
C VAL E 22 -32.85 -15.34 -17.04
N GLU E 23 -33.35 -14.41 -17.86
CA GLU E 23 -32.57 -13.71 -18.89
C GLU E 23 -31.21 -13.21 -18.35
N LYS E 24 -30.16 -13.76 -18.94
CA LYS E 24 -28.75 -13.40 -18.62
C LYS E 24 -28.35 -13.58 -17.15
N CYS E 25 -29.07 -14.47 -16.47
CA CYS E 25 -28.79 -14.78 -15.08
C CYS E 25 -28.56 -16.29 -14.87
N PRO E 26 -27.51 -16.84 -15.51
CA PRO E 26 -27.29 -18.29 -15.35
C PRO E 26 -26.97 -18.67 -13.92
N LEU E 27 -26.43 -17.75 -13.12
CA LEU E 27 -26.18 -18.03 -11.70
C LEU E 27 -27.41 -18.54 -10.94
N ILE E 28 -28.57 -18.01 -11.29
CA ILE E 28 -29.81 -18.43 -10.62
C ILE E 28 -30.19 -19.88 -10.88
N SER E 29 -30.25 -20.27 -12.14
CA SER E 29 -30.58 -21.66 -12.44
C SER E 29 -29.42 -22.60 -12.03
N ALA E 30 -28.19 -22.12 -12.20
CA ALA E 30 -27.02 -22.85 -11.73
C ALA E 30 -27.14 -23.12 -10.24
N ALA E 31 -27.60 -22.11 -9.48
CA ALA E 31 -27.83 -22.29 -8.05
C ALA E 31 -28.77 -23.45 -7.73
N ILE E 32 -29.88 -23.54 -8.46
CA ILE E 32 -30.95 -24.50 -8.14
C ILE E 32 -30.52 -25.96 -8.25
N TRP E 33 -29.48 -26.21 -9.04
CA TRP E 33 -28.95 -27.56 -9.17
C TRP E 33 -28.55 -28.17 -7.82
N SER E 34 -28.17 -27.32 -6.86
CA SER E 34 -27.88 -27.77 -5.49
C SER E 34 -29.05 -28.45 -4.77
N TYR E 35 -30.28 -28.24 -5.25
CA TYR E 35 -31.47 -28.77 -4.56
C TYR E 35 -32.01 -30.06 -5.17
N ARG E 36 -31.32 -30.58 -6.19
CA ARG E 36 -31.73 -31.84 -6.83
C ARG E 36 -31.65 -32.98 -5.81
N PRO E 37 -32.38 -34.08 -6.04
CA PRO E 37 -33.24 -34.31 -7.18
C PRO E 37 -34.56 -33.55 -7.05
N PHE E 38 -35.14 -33.22 -8.20
CA PHE E 38 -36.41 -32.50 -8.25
C PHE E 38 -37.58 -33.46 -8.38
N LYS E 39 -38.73 -33.09 -7.82
CA LYS E 39 -39.94 -33.88 -7.97
C LYS E 39 -40.43 -33.89 -9.41
N ASP E 40 -40.34 -32.73 -10.05
CA ASP E 40 -40.84 -32.48 -11.39
C ASP E 40 -40.47 -31.05 -11.76
N LEU E 41 -40.92 -30.61 -12.92
CA LEU E 41 -40.59 -29.27 -13.41
C LEU E 41 -41.13 -28.16 -12.52
N ALA E 42 -42.33 -28.37 -11.96
CA ALA E 42 -42.89 -27.43 -11.00
C ALA E 42 -41.98 -27.21 -9.78
N ASP E 43 -41.26 -28.25 -9.39
CA ASP E 43 -40.32 -28.18 -8.26
C ASP E 43 -39.21 -27.17 -8.59
N ILE E 44 -38.65 -27.30 -9.80
CA ILE E 44 -37.62 -26.38 -10.29
C ILE E 44 -38.16 -24.95 -10.34
N GLU E 45 -39.37 -24.81 -10.88
CA GLU E 45 -40.05 -23.52 -11.01
C GLU E 45 -40.20 -22.87 -9.63
N ALA E 46 -40.60 -23.64 -8.63
CA ALA E 46 -40.78 -23.12 -7.28
C ALA E 46 -39.45 -22.67 -6.65
N ARG E 47 -38.39 -23.43 -6.90
CA ARG E 47 -37.08 -23.15 -6.35
C ARG E 47 -36.49 -21.88 -6.95
N ILE E 48 -36.70 -21.68 -8.24
CA ILE E 48 -36.24 -20.46 -8.91
C ILE E 48 -36.98 -19.25 -8.34
N SER E 49 -38.30 -19.35 -8.24
CA SER E 49 -39.09 -18.28 -7.63
C SER E 49 -38.60 -17.92 -6.22
N GLU E 50 -38.41 -18.96 -5.43
CA GLU E 50 -37.95 -18.85 -4.05
C GLU E 50 -36.59 -18.16 -3.99
N PHE E 51 -35.71 -18.52 -4.93
CA PHE E 51 -34.39 -17.93 -5.02
C PHE E 51 -34.47 -16.45 -5.31
N ILE E 52 -35.24 -16.07 -6.33
CA ILE E 52 -35.45 -14.66 -6.71
C ILE E 52 -36.01 -13.86 -5.51
N HIS E 53 -36.98 -14.46 -4.83
CA HIS E 53 -37.62 -13.83 -3.68
C HIS E 53 -36.68 -13.62 -2.49
N SER E 54 -35.69 -14.51 -2.37
CA SER E 54 -34.72 -14.44 -1.29
C SER E 54 -33.75 -13.28 -1.46
N LEU E 55 -33.64 -12.76 -2.69
CA LEU E 55 -32.65 -11.74 -3.02
C LEU E 55 -32.99 -10.40 -2.39
N PRO E 56 -31.95 -9.60 -2.07
CA PRO E 56 -32.21 -8.23 -1.65
C PRO E 56 -32.86 -7.50 -2.81
N ASP E 57 -33.53 -6.40 -2.51
CA ASP E 57 -34.20 -5.62 -3.55
C ASP E 57 -33.27 -5.21 -4.69
N SER E 58 -32.02 -4.88 -4.38
CA SER E 58 -31.04 -4.54 -5.39
C SER E 58 -30.82 -5.69 -6.35
N GLY E 59 -30.87 -6.90 -5.82
CA GLY E 59 -30.78 -8.10 -6.65
C GLY E 59 -31.96 -8.24 -7.60
N LYS E 60 -33.16 -7.93 -7.09
CA LYS E 60 -34.35 -7.95 -7.96
C LYS E 60 -34.28 -6.86 -9.04
N GLU E 61 -33.90 -5.64 -8.66
CA GLU E 61 -33.64 -4.60 -9.66
C GLU E 61 -32.58 -5.04 -10.66
N GLY E 62 -31.54 -5.72 -10.16
CA GLY E 62 -30.48 -6.24 -11.02
C GLY E 62 -30.97 -7.21 -12.08
N ILE E 63 -31.82 -8.15 -11.67
CA ILE E 63 -32.45 -9.09 -12.61
C ILE E 63 -33.18 -8.34 -13.73
N LEU E 64 -33.97 -7.32 -13.36
CA LEU E 64 -34.68 -6.52 -14.35
C LEU E 64 -33.70 -5.89 -15.34
N ARG E 65 -32.62 -5.34 -14.79
CA ARG E 65 -31.60 -4.68 -15.59
C ARG E 65 -30.85 -5.61 -16.53
N CYS E 66 -30.95 -6.91 -16.30
CA CYS E 66 -30.40 -7.91 -17.20
C CYS E 66 -31.28 -8.18 -18.43
N HIS E 67 -32.50 -7.65 -18.43
CA HIS E 67 -33.43 -7.84 -19.53
C HIS E 67 -33.33 -6.70 -20.56
N PRO E 68 -33.53 -7.01 -21.84
CA PRO E 68 -33.45 -6.00 -22.89
C PRO E 68 -34.79 -5.27 -23.09
N ASP E 69 -34.73 -4.02 -23.52
CA ASP E 69 -35.94 -3.26 -23.81
C ASP E 69 -36.76 -3.96 -24.92
N LEU E 70 -38.06 -3.93 -24.78
CA LEU E 70 -38.94 -4.34 -25.86
C LEU E 70 -38.74 -3.36 -27.01
N ALA E 71 -38.40 -3.91 -28.17
CA ALA E 71 -38.25 -3.14 -29.41
C ALA E 71 -37.04 -2.22 -29.38
N GLY E 72 -36.09 -2.52 -28.49
CA GLY E 72 -34.98 -1.62 -28.25
C GLY E 72 -33.81 -1.91 -29.14
N ARG E 73 -32.63 -1.48 -28.69
CA ARG E 73 -31.41 -1.54 -29.47
C ARG E 73 -31.01 -2.97 -29.83
N ASP E 74 -31.01 -3.87 -28.85
CA ASP E 74 -30.61 -5.26 -29.09
C ASP E 74 -31.55 -5.98 -30.09
N LEU E 75 -32.83 -5.67 -30.05
CA LEU E 75 -33.80 -6.24 -30.99
C LEU E 75 -33.57 -5.65 -32.38
N GLN E 76 -33.40 -4.32 -32.43
CA GLN E 76 -33.11 -3.64 -33.70
C GLN E 76 -31.83 -4.18 -34.33
N SER E 77 -30.84 -4.49 -33.51
CA SER E 77 -29.52 -4.90 -33.99
C SER E 77 -29.34 -6.41 -34.09
N GLY E 78 -30.37 -7.17 -33.73
CA GLY E 78 -30.33 -8.64 -33.82
C GLY E 78 -29.37 -9.28 -32.84
N THR E 79 -29.28 -8.72 -31.63
CA THR E 79 -28.36 -9.23 -30.61
C THR E 79 -29.10 -9.71 -29.35
N LEU E 80 -30.39 -9.98 -29.49
CA LEU E 80 -31.16 -10.64 -28.43
C LEU E 80 -30.73 -12.08 -28.19
N THR E 81 -30.95 -12.57 -26.97
CA THR E 81 -30.84 -13.99 -26.72
C THR E 81 -31.88 -14.72 -27.59
N PRO E 82 -31.67 -16.01 -27.87
CA PRO E 82 -32.66 -16.73 -28.67
C PRO E 82 -34.07 -16.63 -28.07
N GLU E 83 -34.18 -16.73 -26.74
CA GLU E 83 -35.46 -16.68 -26.07
C GLU E 83 -36.12 -15.29 -26.13
N SER E 84 -35.33 -14.25 -25.89
CA SER E 84 -35.83 -12.87 -25.97
C SER E 84 -36.28 -12.52 -27.39
N GLN E 85 -35.50 -12.97 -28.37
CA GLN E 85 -35.86 -12.79 -29.78
C GLN E 85 -37.22 -13.43 -30.10
N GLU E 86 -37.41 -14.68 -29.69
CA GLU E 86 -38.69 -15.38 -29.91
C GLU E 86 -39.84 -14.66 -29.22
N GLU E 87 -39.62 -14.26 -27.98
CA GLU E 87 -40.67 -13.61 -27.19
C GLU E 87 -41.11 -12.29 -27.82
N GLN E 88 -40.14 -11.43 -28.14
CA GLN E 88 -40.42 -10.12 -28.70
C GLN E 88 -41.08 -10.21 -30.07
N SER E 89 -40.71 -11.21 -30.87
CA SER E 89 -41.35 -11.41 -32.18
C SER E 89 -42.79 -11.92 -32.09
N GLN E 90 -43.06 -12.80 -31.13
CA GLN E 90 -44.43 -13.24 -30.83
C GLN E 90 -45.30 -12.05 -30.40
N ALA E 91 -44.71 -11.16 -29.61
CA ALA E 91 -45.42 -9.99 -29.09
C ALA E 91 -45.58 -8.88 -30.13
N GLY E 92 -44.90 -9.02 -31.27
CA GLY E 92 -45.08 -8.07 -32.39
C GLY E 92 -44.08 -6.94 -32.45
N MET E 93 -42.97 -7.10 -31.75
CA MET E 93 -41.93 -6.07 -31.72
C MET E 93 -41.06 -6.02 -32.98
N THR E 94 -41.02 -7.11 -33.74
CA THR E 94 -40.19 -7.14 -34.94
C THR E 94 -40.88 -6.56 -36.19
N THR E 95 -42.18 -6.29 -36.09
CA THR E 95 -42.93 -5.77 -37.25
C THR E 95 -43.56 -4.41 -36.99
N LEU E 96 -42.90 -3.60 -36.17
CA LEU E 96 -43.39 -2.26 -35.89
C LEU E 96 -43.04 -1.30 -37.01
N ASP E 97 -43.87 -0.28 -37.22
CA ASP E 97 -43.54 0.79 -38.14
C ASP E 97 -42.76 1.88 -37.41
N SER E 98 -42.23 2.84 -38.16
CA SER E 98 -41.37 3.89 -37.60
C SER E 98 -41.99 4.56 -36.38
N ALA E 99 -43.28 4.89 -36.49
CA ALA E 99 -43.99 5.58 -35.43
C ALA E 99 -44.09 4.73 -34.15
N GLU E 100 -44.39 3.45 -34.31
CA GLU E 100 -44.54 2.55 -33.18
C GLU E 100 -43.22 2.39 -32.45
N ILE E 101 -42.14 2.36 -33.23
CA ILE E 101 -40.80 2.22 -32.67
C ILE E 101 -40.43 3.43 -31.84
N VAL E 102 -40.82 4.60 -32.33
CA VAL E 102 -40.63 5.85 -31.62
C VAL E 102 -41.50 5.92 -30.38
N HIS E 103 -42.74 5.44 -30.47
CA HIS E 103 -43.59 5.40 -29.29
C HIS E 103 -42.96 4.51 -28.21
N MET E 104 -42.51 3.32 -28.61
CA MET E 104 -41.89 2.35 -27.70
C MET E 104 -40.60 2.94 -27.09
N TYR E 105 -39.77 3.55 -27.93
CA TYR E 105 -38.56 4.22 -27.44
C TYR E 105 -38.89 5.24 -26.36
N ARG E 106 -39.94 6.03 -26.58
CA ARG E 106 -40.32 7.07 -25.61
C ARG E 106 -40.90 6.51 -24.33
N LEU E 107 -41.73 5.47 -24.46
CA LEU E 107 -42.36 4.87 -23.30
C LEU E 107 -41.24 4.26 -22.44
N ASN E 108 -40.36 3.52 -23.11
CA ASN E 108 -39.18 2.92 -22.47
C ASN E 108 -38.25 3.92 -21.78
N SER E 109 -37.97 5.03 -22.45
CA SER E 109 -37.14 6.08 -21.87
C SER E 109 -37.77 6.68 -20.61
N GLU E 110 -39.07 6.98 -20.67
CA GLU E 110 -39.79 7.49 -19.50
C GLU E 110 -39.83 6.48 -18.34
N TYR E 111 -40.09 5.22 -18.65
CA TYR E 111 -40.20 4.19 -17.61
C TYR E 111 -38.86 4.01 -16.88
N LYS E 112 -37.78 3.93 -17.62
CA LYS E 112 -36.49 3.58 -17.02
C LYS E 112 -35.90 4.79 -16.30
N GLU E 113 -36.26 5.98 -16.76
CA GLU E 113 -35.86 7.20 -16.04
C GLU E 113 -36.59 7.27 -14.69
N ARG E 114 -37.87 6.95 -14.71
CA ARG E 114 -38.68 6.93 -13.49
C ARG E 114 -38.21 5.88 -12.49
N PHE E 115 -38.04 4.64 -12.95
CA PHE E 115 -37.81 3.52 -12.05
C PHE E 115 -36.36 3.09 -11.89
N GLY E 116 -35.54 3.36 -12.89
CA GLY E 116 -34.13 2.96 -12.86
C GLY E 116 -33.91 1.46 -13.15
N PHE E 117 -34.80 0.91 -13.97
CA PHE E 117 -34.67 -0.44 -14.53
C PHE E 117 -35.58 -0.56 -15.75
N PRO E 118 -35.34 -1.55 -16.62
CA PRO E 118 -36.18 -1.63 -17.82
C PRO E 118 -37.60 -2.12 -17.54
N PHE E 119 -38.52 -1.74 -18.43
CA PHE E 119 -39.89 -2.27 -18.42
C PHE E 119 -39.87 -3.72 -18.89
N VAL E 120 -40.36 -4.59 -18.01
CA VAL E 120 -40.41 -6.04 -18.26
C VAL E 120 -41.84 -6.53 -18.12
N ILE E 121 -42.32 -7.21 -19.16
CA ILE E 121 -43.65 -7.82 -19.13
C ILE E 121 -43.52 -9.15 -19.83
N CYS E 122 -44.35 -10.13 -19.45
CA CYS E 122 -44.29 -11.44 -20.08
C CYS E 122 -44.82 -11.34 -21.50
N ALA E 123 -43.91 -11.25 -22.47
CA ALA E 123 -44.24 -11.06 -23.88
C ALA E 123 -45.17 -12.12 -24.43
N ARG E 124 -44.92 -13.37 -24.04
CA ARG E 124 -45.67 -14.48 -24.62
C ARG E 124 -47.15 -14.46 -24.25
N LEU E 125 -47.49 -13.72 -23.20
CA LEU E 125 -48.87 -13.66 -22.69
C LEU E 125 -49.57 -12.39 -23.11
N ASN E 126 -48.83 -11.48 -23.75
CA ASN E 126 -49.37 -10.19 -24.17
C ASN E 126 -49.11 -9.90 -25.64
N ASN E 127 -50.07 -9.24 -26.29
CA ASN E 127 -49.85 -8.70 -27.62
C ASN E 127 -49.41 -7.24 -27.55
N LYS E 128 -49.10 -6.67 -28.70
CA LYS E 128 -48.61 -5.30 -28.82
C LYS E 128 -49.49 -4.29 -28.07
N ALA E 129 -50.80 -4.39 -28.26
CA ALA E 129 -51.72 -3.43 -27.65
C ALA E 129 -51.69 -3.52 -26.13
N ASP E 130 -51.64 -4.75 -25.62
CA ASP E 130 -51.51 -4.99 -24.18
C ASP E 130 -50.26 -4.31 -23.66
N ILE E 131 -49.15 -4.54 -24.34
CA ILE E 131 -47.85 -4.00 -23.92
C ILE E 131 -47.91 -2.49 -23.72
N VAL E 132 -48.41 -1.75 -24.72
CA VAL E 132 -48.53 -0.29 -24.60
C VAL E 132 -49.41 0.15 -23.43
N ARG E 133 -50.58 -0.47 -23.25
CA ARG E 133 -51.48 -0.08 -22.17
C ARG E 133 -50.82 -0.34 -20.81
N GLN E 134 -50.13 -1.47 -20.71
CA GLN E 134 -49.40 -1.84 -19.48
C GLN E 134 -48.25 -0.89 -19.18
N LEU E 135 -47.51 -0.50 -20.20
CA LEU E 135 -46.43 0.47 -20.00
C LEU E 135 -46.99 1.75 -19.39
N SER E 136 -48.10 2.23 -19.93
CA SER E 136 -48.69 3.49 -19.46
C SER E 136 -49.27 3.36 -18.06
N GLU E 137 -49.93 2.23 -17.79
CA GLU E 137 -50.51 1.97 -16.47
C GLU E 137 -49.41 1.89 -15.40
N ARG E 138 -48.38 1.10 -15.68
CA ARG E 138 -47.35 0.83 -14.67
C ARG E 138 -46.45 2.05 -14.44
N LEU E 139 -46.35 2.90 -15.46
CA LEU E 139 -45.69 4.19 -15.34
C LEU E 139 -46.24 4.96 -14.15
N LYS E 140 -47.51 4.68 -13.79
CA LYS E 140 -48.16 5.37 -12.67
C LYS E 140 -47.90 4.78 -11.29
N ASN E 141 -47.40 3.54 -11.23
CA ASN E 141 -47.08 2.89 -9.95
C ASN E 141 -45.94 3.58 -9.23
N ARG E 142 -45.87 3.37 -7.91
CA ARG E 142 -44.68 3.68 -7.11
C ARG E 142 -43.69 2.55 -7.27
N ARG E 143 -42.42 2.82 -6.91
CA ARG E 143 -41.32 1.87 -7.14
C ARG E 143 -41.53 0.52 -6.48
N THR E 144 -41.98 0.51 -5.22
CA THR E 144 -42.08 -0.75 -4.49
C THR E 144 -43.11 -1.67 -5.15
N ALA E 145 -44.26 -1.12 -5.48
CA ALA E 145 -45.32 -1.91 -6.14
C ALA E 145 -44.86 -2.34 -7.53
N GLU E 146 -44.17 -1.44 -8.22
CA GLU E 146 -43.68 -1.73 -9.55
C GLU E 146 -42.64 -2.84 -9.53
N LEU E 147 -41.73 -2.81 -8.57
CA LEU E 147 -40.74 -3.87 -8.46
C LEU E 147 -41.43 -5.23 -8.27
N GLU E 148 -42.47 -5.25 -7.44
CA GLU E 148 -43.19 -6.49 -7.18
C GLU E 148 -43.86 -6.96 -8.47
N CYS E 149 -44.48 -6.01 -9.17
CA CYS E 149 -45.12 -6.23 -10.46
C CYS E 149 -44.14 -6.79 -11.50
N ALA E 150 -43.02 -6.09 -11.66
CA ALA E 150 -42.00 -6.47 -12.65
C ALA E 150 -41.43 -7.85 -12.36
N ILE E 151 -41.24 -8.19 -11.10
CA ILE E 151 -40.66 -9.49 -10.76
C ILE E 151 -41.66 -10.62 -10.96
N GLU E 152 -42.94 -10.33 -10.76
CA GLU E 152 -43.96 -11.32 -11.13
C GLU E 152 -43.84 -11.64 -12.62
N GLU E 153 -43.60 -10.60 -13.41
CA GLU E 153 -43.46 -10.78 -14.85
C GLU E 153 -42.25 -11.62 -15.18
N VAL E 154 -41.13 -11.38 -14.51
CA VAL E 154 -39.95 -12.21 -14.68
C VAL E 154 -40.26 -13.68 -14.41
N LYS E 155 -40.97 -13.93 -13.30
CA LYS E 155 -41.33 -15.27 -12.93
C LYS E 155 -42.21 -15.96 -13.98
N LYS E 156 -43.15 -15.21 -14.57
CA LYS E 156 -43.94 -15.73 -15.71
C LYS E 156 -43.07 -16.06 -16.92
N ILE E 157 -42.21 -15.13 -17.31
CA ILE E 157 -41.24 -15.39 -18.39
C ILE E 157 -40.44 -16.67 -18.15
N CYS E 158 -39.90 -16.81 -16.94
CA CYS E 158 -39.11 -17.97 -16.54
C CYS E 158 -39.92 -19.25 -16.67
N SER E 159 -41.12 -19.23 -16.11
CA SER E 159 -42.01 -20.38 -16.17
C SER E 159 -42.17 -20.87 -17.61
N LEU E 160 -42.45 -19.94 -18.53
CA LEU E 160 -42.63 -20.30 -19.93
C LEU E 160 -41.34 -20.79 -20.60
N ARG E 161 -40.23 -20.16 -20.28
CA ARG E 161 -38.95 -20.60 -20.80
C ARG E 161 -38.65 -22.03 -20.38
N LEU E 162 -38.88 -22.32 -19.09
CA LEU E 162 -38.73 -23.65 -18.54
C LEU E 162 -39.55 -24.65 -19.34
N HIS E 163 -40.78 -24.29 -19.65
CA HIS E 163 -41.68 -25.22 -20.33
C HIS E 163 -41.33 -25.41 -21.82
N SER E 164 -40.45 -24.56 -22.34
CA SER E 164 -40.03 -24.68 -23.74
C SER E 164 -38.71 -25.43 -23.88
N ILE E 165 -38.12 -25.84 -22.75
CA ILE E 165 -36.87 -26.58 -22.83
C ILE E 165 -37.16 -28.01 -23.30
N MET F 1 -9.09 5.82 -14.00
CA MET F 1 -10.58 5.81 -14.08
C MET F 1 -11.16 6.84 -13.10
N ASP F 2 -11.99 7.72 -13.63
CA ASP F 2 -12.61 8.77 -12.85
C ASP F 2 -13.90 8.21 -12.24
N ILE F 3 -13.94 8.11 -10.92
CA ILE F 3 -15.12 7.56 -10.25
C ILE F 3 -16.37 8.41 -10.55
N ASN F 4 -16.18 9.71 -10.78
CA ASN F 4 -17.31 10.59 -11.12
C ASN F 4 -17.96 10.22 -12.43
N VAL F 5 -17.15 9.84 -13.42
CA VAL F 5 -17.68 9.37 -14.70
C VAL F 5 -18.45 8.05 -14.49
N VAL F 6 -17.87 7.15 -13.68
CA VAL F 6 -18.56 5.91 -13.35
C VAL F 6 -19.91 6.16 -12.69
N ASN F 7 -19.93 7.08 -11.73
CA ASN F 7 -21.13 7.38 -10.97
C ASN F 7 -22.24 7.98 -11.82
N ALA F 8 -21.87 8.58 -12.95
CA ALA F 8 -22.83 9.20 -13.88
C ALA F 8 -23.40 8.25 -14.94
N LEU F 9 -22.86 7.04 -15.04
CA LEU F 9 -23.32 6.06 -16.02
C LEU F 9 -24.77 5.58 -15.81
N ALA F 10 -25.50 5.47 -16.92
CA ALA F 10 -26.82 4.86 -16.94
C ALA F 10 -26.61 3.39 -16.65
N TYR F 11 -27.60 2.72 -16.09
CA TYR F 11 -27.38 1.30 -15.73
C TYR F 11 -26.93 0.45 -16.92
N GLU F 12 -27.45 0.75 -18.11
CA GLU F 12 -27.11 -0.07 -19.27
C GLU F 12 -25.61 -0.01 -19.57
N ASP F 13 -25.05 1.20 -19.53
CA ASP F 13 -23.61 1.41 -19.70
C ASP F 13 -22.79 0.87 -18.53
N PHE F 14 -23.29 1.02 -17.30
CA PHE F 14 -22.61 0.41 -16.15
C PHE F 14 -22.46 -1.11 -16.31
N VAL F 15 -23.55 -1.78 -16.68
CA VAL F 15 -23.58 -3.22 -16.87
C VAL F 15 -22.74 -3.62 -18.08
N LYS F 16 -22.76 -2.82 -19.14
CA LYS F 16 -21.86 -3.09 -20.27
C LYS F 16 -20.40 -3.06 -19.82
N LEU F 17 -20.05 -2.05 -19.04
CA LEU F 17 -18.69 -1.85 -18.57
C LEU F 17 -18.24 -2.94 -17.59
N PHE F 18 -19.07 -3.20 -16.59
CA PHE F 18 -18.66 -4.05 -15.45
C PHE F 18 -19.36 -5.41 -15.42
N GLY F 19 -20.11 -5.71 -16.48
CA GLY F 19 -20.98 -6.89 -16.48
C GLY F 19 -20.29 -8.25 -16.37
N ASN F 20 -18.98 -8.28 -16.62
CA ASN F 20 -18.24 -9.54 -16.57
C ASN F 20 -17.09 -9.56 -15.55
N VAL F 21 -17.09 -8.64 -14.58
CA VAL F 21 -16.05 -8.68 -13.55
C VAL F 21 -16.24 -9.88 -12.63
N VAL F 22 -17.46 -10.45 -12.62
CA VAL F 22 -17.66 -11.79 -12.08
C VAL F 22 -18.17 -12.59 -13.25
N GLU F 23 -17.40 -13.63 -13.59
CA GLU F 23 -17.57 -14.39 -14.81
C GLU F 23 -19.02 -14.83 -15.06
N LYS F 24 -19.58 -14.37 -16.18
CA LYS F 24 -20.97 -14.65 -16.61
C LYS F 24 -22.04 -14.26 -15.58
N CYS F 25 -21.71 -13.31 -14.71
CA CYS F 25 -22.67 -12.81 -13.71
C CYS F 25 -22.93 -11.30 -13.79
N PRO F 26 -23.52 -10.83 -14.92
CA PRO F 26 -23.81 -9.38 -15.01
C PRO F 26 -24.78 -8.91 -13.92
N LEU F 27 -25.57 -9.83 -13.38
CA LEU F 27 -26.53 -9.52 -12.32
C LEU F 27 -25.87 -8.80 -11.16
N ILE F 28 -24.64 -9.19 -10.85
CA ILE F 28 -23.95 -8.60 -9.71
C ILE F 28 -23.70 -7.11 -9.98
N SER F 29 -23.12 -6.81 -11.14
CA SER F 29 -22.91 -5.41 -11.52
C SER F 29 -24.24 -4.64 -11.60
N ALA F 30 -25.25 -5.28 -12.18
CA ALA F 30 -26.56 -4.66 -12.36
C ALA F 30 -27.15 -4.27 -10.98
N ALA F 31 -26.99 -5.16 -10.01
CA ALA F 31 -27.50 -4.94 -8.67
C ALA F 31 -26.77 -3.81 -7.97
N ILE F 32 -25.43 -3.81 -8.04
CA ILE F 32 -24.68 -2.84 -7.23
C ILE F 32 -24.91 -1.39 -7.69
N TRP F 33 -25.31 -1.20 -8.94
CA TRP F 33 -25.62 0.12 -9.47
C TRP F 33 -26.69 0.82 -8.61
N SER F 34 -27.57 0.05 -7.98
CA SER F 34 -28.60 0.61 -7.08
C SER F 34 -28.00 1.44 -5.94
N TYR F 35 -26.75 1.12 -5.54
CA TYR F 35 -26.11 1.77 -4.38
C TYR F 35 -25.20 2.95 -4.73
N ARG F 36 -25.17 3.34 -6.00
CA ARG F 36 -24.41 4.53 -6.44
C ARG F 36 -24.89 5.78 -5.69
N PRO F 37 -23.99 6.78 -5.50
CA PRO F 37 -22.61 6.80 -5.97
C PRO F 37 -21.64 5.95 -5.14
N PHE F 38 -20.54 5.58 -5.79
CA PHE F 38 -19.45 4.89 -5.14
C PHE F 38 -18.39 5.92 -4.78
N LYS F 39 -17.79 5.76 -3.61
CA LYS F 39 -16.77 6.66 -3.12
C LYS F 39 -15.51 6.49 -3.97
N ASP F 40 -15.27 5.25 -4.38
CA ASP F 40 -14.08 4.92 -5.16
C ASP F 40 -14.15 3.46 -5.63
N LEU F 41 -13.07 3.00 -6.25
CA LEU F 41 -12.99 1.62 -6.70
C LEU F 41 -13.14 0.61 -5.56
N ALA F 42 -12.43 0.84 -4.45
CA ALA F 42 -12.57 -0.01 -3.28
C ALA F 42 -14.03 -0.17 -2.86
N ASP F 43 -14.81 0.90 -3.00
CA ASP F 43 -16.24 0.88 -2.65
C ASP F 43 -17.02 -0.06 -3.60
N ILE F 44 -16.73 0.02 -4.89
CA ILE F 44 -17.33 -0.92 -5.86
C ILE F 44 -17.03 -2.35 -5.43
N GLU F 45 -15.77 -2.63 -5.12
CA GLU F 45 -15.41 -3.99 -4.66
C GLU F 45 -16.14 -4.41 -3.40
N ALA F 46 -16.31 -3.48 -2.46
CA ALA F 46 -16.99 -3.81 -1.22
C ALA F 46 -18.45 -4.15 -1.48
N ARG F 47 -19.11 -3.38 -2.35
CA ARG F 47 -20.48 -3.65 -2.72
C ARG F 47 -20.60 -5.02 -3.35
N ILE F 48 -19.66 -5.36 -4.24
CA ILE F 48 -19.67 -6.67 -4.89
C ILE F 48 -19.57 -7.79 -3.86
N SER F 49 -18.63 -7.67 -2.93
CA SER F 49 -18.46 -8.65 -1.85
C SER F 49 -19.69 -8.80 -0.97
N GLU F 50 -20.32 -7.67 -0.63
CA GLU F 50 -21.53 -7.66 0.19
C GLU F 50 -22.68 -8.33 -0.55
N PHE F 51 -22.78 -8.06 -1.85
CA PHE F 51 -23.84 -8.66 -2.62
C PHE F 51 -23.67 -10.18 -2.67
N ILE F 52 -22.46 -10.63 -2.95
CA ILE F 52 -22.20 -12.08 -2.98
C ILE F 52 -22.50 -12.70 -1.61
N HIS F 53 -22.05 -12.03 -0.56
CA HIS F 53 -22.31 -12.51 0.82
C HIS F 53 -23.80 -12.67 1.18
N SER F 54 -24.63 -11.84 0.57
CA SER F 54 -26.08 -11.84 0.81
C SER F 54 -26.81 -12.99 0.10
N LEU F 55 -26.13 -13.67 -0.83
CA LEU F 55 -26.75 -14.78 -1.56
C LEU F 55 -26.79 -16.04 -0.70
N PRO F 56 -27.79 -16.91 -0.94
CA PRO F 56 -27.78 -18.23 -0.32
C PRO F 56 -26.49 -18.93 -0.73
N ASP F 57 -26.06 -19.91 0.06
CA ASP F 57 -24.94 -20.76 -0.34
C ASP F 57 -25.09 -21.33 -1.74
N SER F 58 -26.32 -21.68 -2.11
CA SER F 58 -26.60 -22.18 -3.46
C SER F 58 -26.26 -21.13 -4.54
N GLY F 59 -26.50 -19.85 -4.22
CA GLY F 59 -26.16 -18.75 -5.12
C GLY F 59 -24.65 -18.62 -5.29
N LYS F 60 -23.94 -18.83 -4.19
CA LYS F 60 -22.48 -18.84 -4.20
C LYS F 60 -21.98 -19.99 -5.09
N GLU F 61 -22.55 -21.18 -4.90
CA GLU F 61 -22.25 -22.31 -5.79
C GLU F 61 -22.62 -22.01 -7.25
N GLY F 62 -23.73 -21.30 -7.44
CA GLY F 62 -24.20 -20.90 -8.77
C GLY F 62 -23.15 -20.05 -9.47
N ILE F 63 -22.61 -19.07 -8.75
CA ILE F 63 -21.48 -18.25 -9.24
C ILE F 63 -20.29 -19.10 -9.70
N LEU F 64 -19.85 -20.05 -8.86
CA LEU F 64 -18.74 -20.92 -9.24
C LEU F 64 -19.09 -21.70 -10.51
N ARG F 65 -20.35 -22.16 -10.61
CA ARG F 65 -20.77 -22.94 -11.77
C ARG F 65 -20.86 -22.16 -13.08
N CYS F 66 -20.78 -20.84 -12.99
CA CYS F 66 -20.67 -19.96 -14.15
C CYS F 66 -19.23 -19.86 -14.72
N HIS F 67 -18.26 -20.38 -13.97
CA HIS F 67 -16.84 -20.30 -14.35
C HIS F 67 -16.39 -21.51 -15.19
N PRO F 68 -15.57 -21.27 -16.22
CA PRO F 68 -15.09 -22.40 -17.04
C PRO F 68 -13.92 -23.12 -16.39
N ASP F 69 -13.79 -24.42 -16.65
CA ASP F 69 -12.64 -25.15 -16.15
C ASP F 69 -11.33 -24.57 -16.67
N LEU F 70 -10.32 -24.53 -15.83
CA LEU F 70 -8.97 -24.22 -16.30
C LEU F 70 -8.56 -25.32 -17.29
N ALA F 71 -8.11 -24.92 -18.47
CA ALA F 71 -7.65 -25.83 -19.54
C ALA F 71 -8.75 -26.74 -20.09
N GLY F 72 -10.00 -26.39 -19.83
CA GLY F 72 -11.13 -27.23 -20.18
C GLY F 72 -11.70 -26.97 -21.56
N ARG F 73 -12.96 -27.37 -21.75
CA ARG F 73 -13.56 -27.39 -23.09
C ARG F 73 -13.56 -26.04 -23.77
N ASP F 74 -13.95 -24.99 -23.05
CA ASP F 74 -14.06 -23.66 -23.63
C ASP F 74 -12.69 -23.11 -24.01
N LEU F 75 -11.68 -23.33 -23.18
CA LEU F 75 -10.31 -22.95 -23.54
C LEU F 75 -9.90 -23.63 -24.84
N GLN F 76 -10.05 -24.95 -24.86
CA GLN F 76 -9.65 -25.77 -26.00
C GLN F 76 -10.40 -25.40 -27.28
N SER F 77 -11.67 -24.99 -27.15
CA SER F 77 -12.50 -24.60 -28.30
C SER F 77 -12.45 -23.10 -28.62
N GLY F 78 -11.66 -22.35 -27.84
CA GLY F 78 -11.55 -20.91 -28.03
C GLY F 78 -12.85 -20.14 -27.82
N THR F 79 -13.67 -20.56 -26.86
CA THR F 79 -14.95 -19.90 -26.59
C THR F 79 -15.02 -19.33 -25.17
N LEU F 80 -13.87 -19.02 -24.59
CA LEU F 80 -13.81 -18.35 -23.29
C LEU F 80 -14.11 -16.88 -23.47
N THR F 81 -14.55 -16.22 -22.40
CA THR F 81 -14.68 -14.78 -22.42
C THR F 81 -13.29 -14.18 -22.59
N PRO F 82 -13.21 -12.94 -23.07
CA PRO F 82 -11.89 -12.33 -23.26
C PRO F 82 -11.08 -12.31 -21.96
N GLU F 83 -11.74 -12.06 -20.83
CA GLU F 83 -11.08 -12.07 -19.52
C GLU F 83 -10.55 -13.46 -19.13
N SER F 84 -11.41 -14.46 -19.21
CA SER F 84 -10.99 -15.84 -18.91
C SER F 84 -9.83 -16.28 -19.82
N GLN F 85 -9.91 -15.92 -21.08
CA GLN F 85 -8.84 -16.25 -22.04
C GLN F 85 -7.49 -15.65 -21.61
N GLU F 86 -7.46 -14.35 -21.30
CA GLU F 86 -6.21 -13.70 -20.83
C GLU F 86 -5.71 -14.37 -19.56
N GLU F 87 -6.63 -14.57 -18.61
CA GLU F 87 -6.29 -15.18 -17.31
C GLU F 87 -5.66 -16.55 -17.47
N GLN F 88 -6.33 -17.43 -18.21
CA GLN F 88 -5.84 -18.78 -18.42
C GLN F 88 -4.53 -18.82 -19.22
N SER F 89 -4.35 -17.89 -20.14
CA SER F 89 -3.08 -17.84 -20.89
C SER F 89 -1.94 -17.44 -19.95
N GLN F 90 -2.22 -16.47 -19.08
CA GLN F 90 -1.23 -16.00 -18.12
C GLN F 90 -0.81 -17.11 -17.17
N ALA F 91 -1.75 -17.98 -16.83
CA ALA F 91 -1.49 -19.09 -15.90
C ALA F 91 -0.83 -20.30 -16.57
N GLY F 92 -0.56 -20.20 -17.87
CA GLY F 92 0.11 -21.26 -18.62
C GLY F 92 -0.81 -22.33 -19.18
N MET F 93 -2.12 -22.08 -19.15
CA MET F 93 -3.08 -23.08 -19.60
C MET F 93 -3.16 -23.28 -21.12
N THR F 94 -2.60 -22.33 -21.88
CA THR F 94 -2.75 -22.39 -23.33
C THR F 94 -1.57 -23.10 -24.00
N THR F 95 -0.54 -23.38 -23.22
CA THR F 95 0.67 -23.95 -23.78
C THR F 95 0.99 -25.31 -23.17
N LEU F 96 -0.01 -25.94 -22.54
CA LEU F 96 0.13 -27.28 -21.99
C LEU F 96 0.35 -28.32 -23.08
N ASP F 97 1.12 -29.35 -22.75
CA ASP F 97 1.30 -30.48 -23.66
C ASP F 97 0.18 -31.50 -23.47
N SER F 98 0.20 -32.58 -24.25
CA SER F 98 -0.87 -33.57 -24.21
C SER F 98 -1.09 -34.20 -22.84
N ALA F 99 -0.01 -34.56 -22.16
CA ALA F 99 -0.11 -35.17 -20.84
C ALA F 99 -0.72 -34.17 -19.84
N GLU F 100 -0.26 -32.93 -19.93
CA GLU F 100 -0.71 -31.85 -19.04
C GLU F 100 -2.20 -31.54 -19.22
N ILE F 101 -2.63 -31.50 -20.48
CA ILE F 101 -4.06 -31.29 -20.76
C ILE F 101 -4.88 -32.41 -20.13
N VAL F 102 -4.44 -33.65 -20.32
CA VAL F 102 -5.12 -34.77 -19.69
C VAL F 102 -5.05 -34.69 -18.15
N HIS F 103 -3.90 -34.27 -17.63
CA HIS F 103 -3.74 -34.12 -16.18
C HIS F 103 -4.74 -33.10 -15.64
N MET F 104 -4.86 -31.95 -16.29
CA MET F 104 -5.83 -30.95 -15.83
C MET F 104 -7.25 -31.51 -15.90
N TYR F 105 -7.53 -32.24 -16.96
CA TYR F 105 -8.85 -32.83 -17.09
C TYR F 105 -9.14 -33.77 -15.91
N ARG F 106 -8.17 -34.60 -15.54
CA ARG F 106 -8.35 -35.58 -14.46
C ARG F 106 -8.53 -34.92 -13.08
N LEU F 107 -7.68 -33.94 -12.80
CA LEU F 107 -7.78 -33.12 -11.58
C LEU F 107 -9.13 -32.42 -11.48
N ASN F 108 -9.49 -31.68 -12.53
CA ASN F 108 -10.79 -31.02 -12.58
C ASN F 108 -11.92 -32.02 -12.36
N SER F 109 -11.85 -33.17 -13.03
CA SER F 109 -12.89 -34.19 -12.90
C SER F 109 -13.06 -34.65 -11.45
N GLU F 110 -11.96 -34.97 -10.80
CA GLU F 110 -12.00 -35.40 -9.39
C GLU F 110 -12.59 -34.29 -8.51
N TYR F 111 -12.14 -33.07 -8.75
CA TYR F 111 -12.61 -31.94 -7.94
C TYR F 111 -14.12 -31.73 -8.08
N LYS F 112 -14.61 -31.65 -9.32
CA LYS F 112 -16.02 -31.32 -9.52
C LYS F 112 -16.94 -32.45 -9.07
N GLU F 113 -16.43 -33.69 -9.14
CA GLU F 113 -17.16 -34.83 -8.62
C GLU F 113 -17.33 -34.68 -7.11
N ARG F 114 -16.27 -34.28 -6.43
CA ARG F 114 -16.32 -34.12 -4.98
C ARG F 114 -17.18 -32.95 -4.52
N PHE F 115 -17.03 -31.80 -5.20
CA PHE F 115 -17.61 -30.55 -4.67
C PHE F 115 -18.87 -30.05 -5.35
N GLY F 116 -19.11 -30.50 -6.59
CA GLY F 116 -20.32 -30.15 -7.34
C GLY F 116 -20.30 -28.71 -7.84
N PHE F 117 -19.09 -28.20 -8.03
CA PHE F 117 -18.86 -26.96 -8.75
C PHE F 117 -17.41 -26.97 -9.28
N PRO F 118 -17.10 -26.09 -10.25
CA PRO F 118 -15.74 -26.08 -10.84
C PRO F 118 -14.68 -25.59 -9.87
N PHE F 119 -13.45 -26.06 -10.07
CA PHE F 119 -12.29 -25.53 -9.38
C PHE F 119 -11.97 -24.12 -9.87
N VAL F 120 -12.01 -23.16 -8.95
CA VAL F 120 -11.77 -21.76 -9.28
C VAL F 120 -10.62 -21.25 -8.41
N ILE F 121 -9.66 -20.61 -9.05
CA ILE F 121 -8.53 -20.02 -8.37
C ILE F 121 -8.16 -18.76 -9.16
N CYS F 122 -7.56 -17.77 -8.48
CA CYS F 122 -7.18 -16.57 -9.19
C CYS F 122 -6.00 -16.91 -10.13
N ALA F 123 -6.27 -17.01 -11.42
CA ALA F 123 -5.28 -17.54 -12.38
C ALA F 123 -4.11 -16.60 -12.57
N ARG F 124 -4.39 -15.29 -12.50
CA ARG F 124 -3.35 -14.29 -12.66
C ARG F 124 -2.37 -14.22 -11.49
N LEU F 125 -2.68 -14.96 -10.40
CA LEU F 125 -1.77 -15.03 -9.25
C LEU F 125 -1.10 -16.40 -9.06
N ASN F 126 -1.34 -17.33 -9.98
CA ASN F 126 -0.79 -18.68 -9.85
C ASN F 126 -0.25 -19.19 -11.18
N ASN F 127 0.85 -19.93 -11.13
CA ASN F 127 1.37 -20.59 -12.32
C ASN F 127 0.82 -22.00 -12.38
N LYS F 128 1.12 -22.75 -13.43
CA LYS F 128 0.49 -24.06 -13.57
C LYS F 128 0.86 -25.02 -12.44
N ALA F 129 2.11 -24.96 -11.98
CA ALA F 129 2.49 -25.75 -10.82
C ALA F 129 1.68 -25.39 -9.56
N ASP F 130 1.48 -24.09 -9.33
CA ASP F 130 0.64 -23.67 -8.20
C ASP F 130 -0.78 -24.23 -8.36
N ILE F 131 -1.28 -24.15 -9.59
CA ILE F 131 -2.65 -24.61 -9.87
C ILE F 131 -2.76 -26.10 -9.53
N VAL F 132 -1.83 -26.90 -10.03
CA VAL F 132 -1.83 -28.33 -9.73
C VAL F 132 -1.82 -28.59 -8.22
N ARG F 133 -0.92 -27.92 -7.52
CA ARG F 133 -0.79 -28.08 -6.08
C ARG F 133 -2.10 -27.74 -5.36
N GLN F 134 -2.73 -26.65 -5.77
CA GLN F 134 -3.92 -26.15 -5.08
C GLN F 134 -5.15 -27.03 -5.34
N LEU F 135 -5.22 -27.55 -6.56
CA LEU F 135 -6.24 -28.50 -6.98
C LEU F 135 -6.16 -29.75 -6.10
N SER F 136 -4.94 -30.18 -5.80
CA SER F 136 -4.70 -31.36 -4.96
C SER F 136 -4.94 -31.10 -3.47
N GLU F 137 -4.52 -29.93 -3.00
CA GLU F 137 -4.67 -29.58 -1.59
C GLU F 137 -6.12 -29.27 -1.25
N ARG F 138 -6.80 -28.54 -2.15
CA ARG F 138 -8.18 -28.18 -1.88
C ARG F 138 -9.16 -29.35 -1.95
N LEU F 139 -8.78 -30.40 -2.68
CA LEU F 139 -9.55 -31.62 -2.70
C LEU F 139 -9.71 -32.14 -1.28
N LYS F 140 -8.73 -31.85 -0.42
CA LYS F 140 -8.78 -32.30 0.99
C LYS F 140 -9.81 -31.59 1.87
N ASN F 141 -10.27 -30.41 1.44
CA ASN F 141 -11.21 -29.63 2.25
C ASN F 141 -12.60 -30.22 2.36
N ARG F 142 -13.26 -29.91 3.47
CA ARG F 142 -14.70 -30.11 3.58
C ARG F 142 -15.39 -29.17 2.60
N ARG F 143 -16.56 -29.57 2.12
CA ARG F 143 -17.34 -28.81 1.16
C ARG F 143 -17.68 -27.41 1.68
N THR F 144 -18.04 -27.31 2.95
CA THR F 144 -18.36 -26.00 3.57
C THR F 144 -17.17 -25.05 3.50
N ALA F 145 -16.01 -25.54 3.90
CA ALA F 145 -14.76 -24.77 3.87
C ALA F 145 -14.35 -24.45 2.43
N GLU F 146 -14.57 -25.39 1.52
CA GLU F 146 -14.15 -25.19 0.14
C GLU F 146 -14.97 -24.10 -0.55
N LEU F 147 -16.27 -24.05 -0.28
CA LEU F 147 -17.13 -23.02 -0.85
C LEU F 147 -16.64 -21.61 -0.47
N GLU F 148 -16.27 -21.45 0.81
CA GLU F 148 -15.66 -20.19 1.26
C GLU F 148 -14.36 -19.87 0.54
N CYS F 149 -13.45 -20.84 0.48
CA CYS F 149 -12.17 -20.70 -0.21
C CYS F 149 -12.37 -20.28 -1.68
N ALA F 150 -13.26 -20.98 -2.37
CA ALA F 150 -13.53 -20.69 -3.78
C ALA F 150 -14.11 -19.28 -4.00
N ILE F 151 -15.07 -18.88 -3.15
CA ILE F 151 -15.64 -17.53 -3.28
C ILE F 151 -14.60 -16.43 -3.03
N GLU F 152 -13.65 -16.68 -2.13
CA GLU F 152 -12.53 -15.74 -1.98
C GLU F 152 -11.73 -15.61 -3.29
N GLU F 153 -11.51 -16.73 -3.97
CA GLU F 153 -10.83 -16.66 -5.26
C GLU F 153 -11.62 -15.87 -6.30
N VAL F 154 -12.93 -16.05 -6.31
CA VAL F 154 -13.80 -15.29 -7.22
C VAL F 154 -13.63 -13.79 -6.98
N LYS F 155 -13.58 -13.39 -5.71
CA LYS F 155 -13.41 -11.98 -5.38
C LYS F 155 -12.03 -11.44 -5.82
N LYS F 156 -11.01 -12.30 -5.75
CA LYS F 156 -9.68 -11.96 -6.28
C LYS F 156 -9.69 -11.78 -7.79
N ILE F 157 -10.31 -12.72 -8.50
CA ILE F 157 -10.46 -12.61 -9.96
C ILE F 157 -11.15 -11.30 -10.29
N CYS F 158 -12.23 -11.00 -9.56
CA CYS F 158 -13.01 -9.80 -9.79
C CYS F 158 -12.19 -8.51 -9.55
N SER F 159 -11.41 -8.49 -8.48
CA SER F 159 -10.48 -7.37 -8.23
C SER F 159 -9.54 -7.10 -9.42
N LEU F 160 -8.94 -8.17 -9.97
CA LEU F 160 -8.03 -8.01 -11.09
C LEU F 160 -8.74 -7.68 -12.40
N ARG F 161 -9.95 -8.20 -12.58
CA ARG F 161 -10.75 -7.78 -13.73
C ARG F 161 -11.10 -6.28 -13.62
N LEU F 162 -11.47 -5.82 -12.44
CA LEU F 162 -11.68 -4.38 -12.21
C LEU F 162 -10.39 -3.57 -12.51
N HIS F 163 -9.26 -4.06 -12.03
CA HIS F 163 -7.96 -3.41 -12.28
C HIS F 163 -7.65 -3.28 -13.77
N SER F 164 -7.90 -4.36 -14.51
CA SER F 164 -7.72 -4.34 -15.96
C SER F 164 -8.61 -3.33 -16.66
N ILE F 165 -9.85 -3.18 -16.18
CA ILE F 165 -10.70 -2.13 -16.72
C ILE F 165 -10.09 -0.75 -16.49
N VAL F 166 -9.59 -0.52 -15.28
CA VAL F 166 -8.91 0.73 -14.97
C VAL F 166 -7.80 1.01 -15.98
N LEU F 167 -6.99 -0.01 -16.29
CA LEU F 167 -5.86 0.15 -17.21
C LEU F 167 -6.21 0.04 -18.71
N SER F 168 -7.45 -0.34 -19.03
CA SER F 168 -7.78 -0.70 -20.42
C SER F 168 -7.44 0.35 -21.48
#